data_3E0L
#
_entry.id   3E0L
#
_cell.length_a   86.827
_cell.length_b   107.315
_cell.length_c   233.620
_cell.angle_alpha   90.00
_cell.angle_beta   90.00
_cell.angle_gamma   90.00
#
_symmetry.space_group_name_H-M   'I 21 21 21'
#
loop_
_entity.id
_entity.type
_entity.pdbx_description
1 polymer 'Guanine deaminase'
2 non-polymer 'ZINC ION'
3 water water
#
_entity_poly.entity_id   1
_entity_poly.type   'polypeptide(L)'
_entity_poly.pdbx_seq_one_letter_code
;GSHMCAAQMPPLAHIFRGTFVHSTWTCPMEVLRDHLLGVSDSGKIVFLEEASQQEKLAKEWCFKPCEIRELSHHEFFMPG
LVDTHIHASQYSFAGSSIDLPLLEWLTKYTFPAEHRFQNIDFAEEVYTRVVRRTLKNGTTTACYFATIHTDSSLLLADIT
DKFGQRAFVGKVCMDLNDTFPEYKETTEESIKETERFVSEMLQKNYSRVKPIVTPGNGVSETLMGELGNIAKTRDLHIQS
HISENRDEVEAVKNLYPSYKNYTSVYDKNNLLTNKTVMAHGCYLSAEELNVFHERGASIAHCPNSNLSLSSGFLNVLEVL
KHEVKIGLGTDVAGGYSYSMLDAIRRAVMVSNILLINKVNEKSLTLKEVFRLATLGGSQALGLDGEIGNFEVGKEFDAIL
INPKASDSPIDLFYGDFFGDISEAVIQKFLYLGDDRNIEEVYVGGKQVVPFSSSV
;
_entity_poly.pdbx_strand_id   A,B
#
loop_
_chem_comp.id
_chem_comp.type
_chem_comp.name
_chem_comp.formula
ZN non-polymer 'ZINC ION' 'Zn 2'
#
# COMPACT_ATOMS: atom_id res chain seq x y z
N PRO A 11 28.99 30.36 -10.64
CA PRO A 11 29.25 29.06 -11.28
C PRO A 11 28.27 27.98 -10.80
N LEU A 12 27.21 27.76 -11.58
CA LEU A 12 26.11 26.86 -11.22
C LEU A 12 26.55 25.40 -11.08
N ALA A 13 25.97 24.71 -10.10
CA ALA A 13 26.25 23.29 -9.86
C ALA A 13 25.49 22.39 -10.85
N HIS A 14 24.25 22.75 -11.14
CA HIS A 14 23.44 22.01 -12.09
C HIS A 14 22.50 22.96 -12.81
N ILE A 15 22.35 22.77 -14.13
CA ILE A 15 21.19 23.30 -14.84
C ILE A 15 20.43 22.13 -15.42
N PHE A 16 19.15 22.04 -15.10
CA PHE A 16 18.30 20.93 -15.52
C PHE A 16 17.23 21.45 -16.46
N ARG A 17 16.99 20.73 -17.54
CA ARG A 17 15.89 21.04 -18.43
C ARG A 17 14.90 19.86 -18.47
N GLY A 18 13.65 20.16 -18.11
CA GLY A 18 12.60 19.15 -18.10
C GLY A 18 11.38 19.58 -17.33
N THR A 19 10.65 18.60 -16.80
CA THR A 19 9.40 18.84 -16.11
C THR A 19 9.56 18.87 -14.58
N PHE A 20 8.90 19.82 -13.93
CA PHE A 20 8.96 19.97 -12.49
C PHE A 20 7.57 19.97 -11.90
N VAL A 21 7.40 19.22 -10.82
CA VAL A 21 6.09 19.01 -10.20
C VAL A 21 6.22 19.32 -8.73
N HIS A 22 5.44 20.27 -8.23
CA HIS A 22 5.52 20.63 -6.83
C HIS A 22 4.24 21.28 -6.35
N SER A 23 4.28 21.83 -5.14
CA SER A 23 3.13 22.41 -4.50
C SER A 23 3.41 23.84 -4.08
N THR A 24 2.35 24.64 -4.00
CA THR A 24 2.41 25.98 -3.45
C THR A 24 1.22 26.10 -2.51
N TRP A 25 1.16 27.18 -1.74
CA TRP A 25 0.04 27.37 -0.80
C TRP A 25 -1.26 27.74 -1.50
N THR A 26 -1.17 28.08 -2.77
CA THR A 26 -2.38 28.39 -3.54
C THR A 26 -2.75 27.26 -4.52
N CYS A 27 -1.85 26.31 -4.69
CA CYS A 27 -2.01 25.28 -5.70
C CYS A 27 -1.44 23.93 -5.23
N PRO A 28 -2.33 22.95 -4.96
CA PRO A 28 -1.92 21.65 -4.42
C PRO A 28 -0.88 20.95 -5.28
N MET A 29 -0.98 21.10 -6.60
CA MET A 29 0.03 20.56 -7.49
C MET A 29 0.19 21.42 -8.74
N GLU A 30 1.41 21.91 -8.94
CA GLU A 30 1.70 22.74 -10.08
C GLU A 30 2.68 22.00 -10.94
N VAL A 31 2.36 21.87 -12.22
CA VAL A 31 3.21 21.16 -13.13
C VAL A 31 3.88 22.14 -14.07
N LEU A 32 5.20 22.17 -14.03
CA LEU A 32 6.00 23.04 -14.85
C LEU A 32 6.71 22.23 -15.91
N ARG A 33 6.13 22.22 -17.12
CA ARG A 33 6.69 21.41 -18.21
C ARG A 33 7.81 22.15 -18.95
N ASP A 34 8.78 21.38 -19.43
CA ASP A 34 9.93 21.94 -20.15
C ASP A 34 10.40 23.28 -19.61
N HIS A 35 10.76 23.29 -18.33
CA HIS A 35 11.36 24.44 -17.67
C HIS A 35 12.84 24.26 -17.46
N LEU A 36 13.49 25.36 -17.09
CA LEU A 36 14.90 25.35 -16.76
C LEU A 36 15.08 25.69 -15.29
N LEU A 37 15.91 24.91 -14.61
CA LEU A 37 16.17 25.12 -13.20
C LEU A 37 17.66 25.13 -12.95
N GLY A 38 18.14 26.19 -12.32
CA GLY A 38 19.56 26.33 -11.97
C GLY A 38 19.79 26.14 -10.48
N VAL A 39 20.90 25.47 -10.15
CA VAL A 39 21.28 25.22 -8.77
C VAL A 39 22.68 25.79 -8.54
N SER A 40 22.83 26.60 -7.50
CA SER A 40 24.13 27.22 -7.22
C SER A 40 25.08 26.23 -6.57
N ASP A 41 26.33 26.63 -6.39
CA ASP A 41 27.32 25.81 -5.71
C ASP A 41 27.02 25.76 -4.22
N SER A 42 26.18 26.67 -3.75
CA SER A 42 25.68 26.64 -2.37
C SER A 42 24.46 25.73 -2.26
N GLY A 43 24.04 25.17 -3.39
CA GLY A 43 22.92 24.21 -3.43
C GLY A 43 21.54 24.85 -3.44
N LYS A 44 21.47 26.13 -3.80
CA LYS A 44 20.21 26.83 -3.83
C LYS A 44 19.60 26.89 -5.23
N ILE A 45 18.27 26.95 -5.27
CA ILE A 45 17.54 27.14 -6.50
C ILE A 45 17.70 28.61 -6.90
N VAL A 46 18.50 28.78 -7.94
CA VAL A 46 18.91 30.06 -8.45
C VAL A 46 17.86 30.65 -9.41
N PHE A 47 17.37 29.82 -10.34
CA PHE A 47 16.28 30.24 -11.22
C PHE A 47 15.40 29.07 -11.66
N LEU A 48 14.11 29.36 -11.87
CA LEU A 48 13.20 28.39 -12.44
C LEU A 48 12.30 29.08 -13.44
N GLU A 49 12.49 28.73 -14.72
CA GLU A 49 11.84 29.45 -15.80
C GLU A 49 11.61 28.55 -17.03
N GLU A 50 10.63 28.94 -17.86
CA GLU A 50 10.36 28.24 -19.11
C GLU A 50 11.62 28.14 -19.98
N ALA A 51 11.76 27.03 -20.69
CA ALA A 51 12.99 26.75 -21.42
C ALA A 51 13.22 27.71 -22.59
N SER A 52 12.20 28.46 -22.98
CA SER A 52 12.36 29.47 -24.03
C SER A 52 13.29 30.60 -23.55
N GLN A 53 13.27 30.86 -22.24
CA GLN A 53 14.13 31.87 -21.63
C GLN A 53 15.59 31.42 -21.53
N GLN A 54 15.94 30.32 -22.18
CA GLN A 54 17.31 29.82 -22.10
C GLN A 54 18.35 30.86 -22.50
N GLU A 55 18.07 31.59 -23.59
CA GLU A 55 19.03 32.55 -24.14
C GLU A 55 19.32 33.65 -23.14
N LYS A 56 18.26 34.26 -22.60
CA LYS A 56 18.40 35.31 -21.60
C LYS A 56 19.12 34.82 -20.34
N LEU A 57 18.69 33.67 -19.81
CA LEU A 57 19.26 33.12 -18.58
C LEU A 57 20.74 32.81 -18.70
N ALA A 58 21.17 32.34 -19.88
CA ALA A 58 22.58 32.04 -20.10
C ALA A 58 23.44 33.30 -19.99
N LYS A 59 22.92 34.43 -20.47
CA LYS A 59 23.58 35.71 -20.27
C LYS A 59 23.49 36.10 -18.79
N GLU A 60 22.26 36.24 -18.30
CA GLU A 60 21.99 36.50 -16.89
C GLU A 60 22.91 35.75 -15.93
N TRP A 61 23.12 34.46 -16.19
CA TRP A 61 23.80 33.56 -15.25
C TRP A 61 25.06 32.93 -15.80
N CYS A 62 25.56 33.47 -16.91
CA CYS A 62 26.86 33.12 -17.44
C CYS A 62 27.12 31.61 -17.46
N PHE A 63 26.34 30.90 -18.29
CA PHE A 63 26.60 29.49 -18.59
C PHE A 63 26.42 29.23 -20.09
N LYS A 64 27.17 28.26 -20.60
CA LYS A 64 27.03 27.82 -21.98
C LYS A 64 25.94 26.74 -22.04
N PRO A 65 25.31 26.55 -23.21
CA PRO A 65 24.13 25.68 -23.26
C PRO A 65 24.46 24.18 -23.21
N CYS A 66 25.73 23.82 -23.19
CA CYS A 66 26.11 22.42 -23.12
C CYS A 66 26.34 22.03 -21.67
N GLU A 67 26.12 22.97 -20.77
CA GLU A 67 26.17 22.68 -19.35
C GLU A 67 24.77 22.25 -18.89
N ILE A 68 23.80 22.41 -19.78
CA ILE A 68 22.42 22.05 -19.49
C ILE A 68 22.21 20.54 -19.56
N ARG A 69 21.61 19.98 -18.51
CA ARG A 69 21.19 18.59 -18.55
C ARG A 69 19.72 18.47 -18.96
N GLU A 70 19.50 17.79 -20.08
CA GLU A 70 18.16 17.56 -20.60
C GLU A 70 17.65 16.25 -20.03
N LEU A 71 16.62 16.35 -19.19
CA LEU A 71 15.95 15.18 -18.65
C LEU A 71 15.25 14.45 -19.80
N SER A 72 15.10 13.13 -19.67
CA SER A 72 14.31 12.37 -20.63
C SER A 72 12.89 12.92 -20.68
N HIS A 73 12.16 12.58 -21.74
CA HIS A 73 10.77 13.02 -21.87
CA HIS A 73 10.77 13.05 -21.84
C HIS A 73 9.85 12.27 -20.92
N HIS A 74 10.34 11.15 -20.38
CA HIS A 74 9.54 10.35 -19.46
CA HIS A 74 9.55 10.33 -19.47
C HIS A 74 9.94 10.53 -18.00
N GLU A 75 10.60 11.65 -17.69
CA GLU A 75 11.05 11.94 -16.33
C GLU A 75 10.51 13.28 -15.83
N PHE A 76 10.44 13.42 -14.51
CA PHE A 76 10.13 14.71 -13.88
C PHE A 76 10.75 14.77 -12.49
N PHE A 77 11.10 15.97 -12.04
CA PHE A 77 11.53 16.19 -10.67
C PHE A 77 10.31 16.52 -9.82
N MET A 78 10.31 16.08 -8.57
CA MET A 78 9.43 16.67 -7.56
C MET A 78 10.25 16.91 -6.30
N PRO A 79 9.68 17.63 -5.31
CA PRO A 79 10.44 17.89 -4.10
C PRO A 79 10.70 16.60 -3.32
N GLY A 80 11.75 16.58 -2.50
CA GLY A 80 11.98 15.47 -1.60
C GLY A 80 10.79 15.29 -0.68
N LEU A 81 10.55 14.06 -0.23
CA LEU A 81 9.45 13.80 0.70
C LEU A 81 9.91 14.04 2.13
N VAL A 82 9.01 14.54 2.97
CA VAL A 82 9.40 14.96 4.32
C VAL A 82 8.63 14.13 5.33
N ASP A 83 9.33 13.21 5.97
CA ASP A 83 8.72 12.32 6.96
C ASP A 83 8.72 12.97 8.34
N THR A 84 7.57 13.41 8.81
CA THR A 84 7.57 14.21 10.03
C THR A 84 7.58 13.38 11.32
N HIS A 85 7.60 12.05 11.21
CA HIS A 85 7.64 11.19 12.40
C HIS A 85 7.98 9.75 12.05
N ILE A 86 9.14 9.29 12.53
CA ILE A 86 9.57 7.92 12.29
C ILE A 86 10.53 7.48 13.38
N HIS A 87 10.38 6.25 13.87
CA HIS A 87 11.30 5.72 14.87
C HIS A 87 12.41 4.95 14.19
N ALA A 88 13.55 5.59 13.96
CA ALA A 88 14.64 4.87 13.28
C ALA A 88 15.01 3.58 14.03
N SER A 89 14.79 3.59 15.34
CA SER A 89 15.23 2.50 16.21
C SER A 89 14.33 1.27 16.13
N GLN A 90 13.27 1.36 15.33
CA GLN A 90 12.30 0.28 15.25
C GLN A 90 12.34 -0.36 13.86
N TYR A 91 13.25 0.11 13.02
CA TYR A 91 13.33 -0.40 11.67
C TYR A 91 13.67 -1.90 11.59
N SER A 92 14.45 -2.40 12.54
CA SER A 92 14.90 -3.79 12.44
C SER A 92 13.75 -4.80 12.53
N PHE A 93 12.65 -4.43 13.18
CA PHE A 93 11.51 -5.35 13.25
C PHE A 93 10.29 -4.87 12.44
N ALA A 94 10.44 -3.73 11.76
CA ALA A 94 9.37 -3.20 10.92
C ALA A 94 8.86 -4.26 9.94
N GLY A 95 7.56 -4.54 10.02
CA GLY A 95 6.94 -5.51 9.10
C GLY A 95 6.75 -6.89 9.72
N SER A 96 7.19 -7.06 10.96
CA SER A 96 6.92 -8.27 11.72
C SER A 96 5.49 -8.21 12.22
N SER A 97 5.05 -9.29 12.83
CA SER A 97 3.68 -9.40 13.33
C SER A 97 3.24 -8.19 14.15
N ILE A 98 2.02 -7.74 13.86
CA ILE A 98 1.35 -6.75 14.70
C ILE A 98 -0.01 -7.30 15.17
N ASP A 99 -0.18 -8.62 15.05
CA ASP A 99 -1.43 -9.27 15.43
C ASP A 99 -1.43 -9.70 16.90
N LEU A 100 -1.29 -8.73 17.79
CA LEU A 100 -1.33 -8.97 19.23
C LEU A 100 -1.69 -7.67 19.94
N PRO A 101 -2.08 -7.76 21.22
CA PRO A 101 -2.45 -6.52 21.91
C PRO A 101 -1.28 -5.53 21.96
N LEU A 102 -1.58 -4.24 21.90
CA LEU A 102 -0.54 -3.21 21.86
C LEU A 102 0.56 -3.43 22.92
N LEU A 103 0.16 -3.66 24.16
CA LEU A 103 1.12 -3.82 25.24
C LEU A 103 2.02 -5.04 25.06
N GLU A 104 1.50 -6.09 24.44
CA GLU A 104 2.32 -7.25 24.10
C GLU A 104 3.32 -6.90 22.99
N TRP A 105 2.84 -6.15 22.01
CA TRP A 105 3.68 -5.66 20.92
C TRP A 105 4.86 -4.84 21.46
N LEU A 106 4.57 -3.94 22.40
CA LEU A 106 5.61 -3.17 23.06
C LEU A 106 6.57 -4.06 23.82
N THR A 107 6.00 -5.03 24.53
CA THR A 107 6.79 -5.89 25.36
C THR A 107 7.62 -6.87 24.55
N LYS A 108 7.05 -7.37 23.45
CA LYS A 108 7.71 -8.40 22.65
C LYS A 108 8.63 -7.83 21.56
N TYR A 109 8.21 -6.70 20.97
CA TYR A 109 8.95 -6.14 19.85
C TYR A 109 9.65 -4.82 20.19
N THR A 110 8.84 -3.79 20.47
CA THR A 110 9.34 -2.42 20.52
C THR A 110 10.45 -2.17 21.56
N PHE A 111 10.18 -2.53 22.80
CA PHE A 111 11.14 -2.29 23.87
C PHE A 111 12.41 -3.15 23.83
N PRO A 112 12.28 -4.47 23.58
CA PRO A 112 13.50 -5.24 23.45
C PRO A 112 14.40 -4.68 22.35
N ALA A 113 13.80 -4.27 21.23
CA ALA A 113 14.58 -3.73 20.11
C ALA A 113 15.34 -2.43 20.47
N GLU A 114 14.64 -1.46 21.04
CA GLU A 114 15.28 -0.20 21.46
C GLU A 114 16.35 -0.45 22.53
N HIS A 115 16.01 -1.33 23.48
CA HIS A 115 16.89 -1.71 24.57
C HIS A 115 18.22 -2.23 24.02
N ARG A 116 18.17 -2.87 22.88
CA ARG A 116 19.36 -3.44 22.28
C ARG A 116 20.33 -2.37 21.79
N PHE A 117 19.87 -1.12 21.71
CA PHE A 117 20.73 -0.05 21.19
C PHE A 117 21.88 0.36 22.13
N GLN A 118 22.03 -0.34 23.26
CA GLN A 118 23.25 -0.22 24.04
C GLN A 118 24.42 -0.76 23.22
N ASN A 119 24.14 -1.71 22.34
CA ASN A 119 25.14 -2.26 21.44
C ASN A 119 25.34 -1.33 20.23
N ILE A 120 26.48 -0.67 20.19
CA ILE A 120 26.76 0.38 19.22
C ILE A 120 26.85 -0.16 17.79
N ASP A 121 27.19 -1.44 17.65
CA ASP A 121 27.23 -2.08 16.32
C ASP A 121 25.85 -2.35 15.76
N PHE A 122 24.97 -2.84 16.63
CA PHE A 122 23.58 -2.99 16.27
C PHE A 122 22.99 -1.65 15.84
N ALA A 123 23.23 -0.62 16.64
CA ALA A 123 22.80 0.73 16.31
C ALA A 123 23.26 1.15 14.90
N GLU A 124 24.56 1.04 14.65
CA GLU A 124 25.15 1.40 13.37
C GLU A 124 24.47 0.67 12.21
N GLU A 125 24.36 -0.64 12.38
CA GLU A 125 23.68 -1.53 11.46
C GLU A 125 22.26 -1.07 11.12
N VAL A 126 21.41 -1.00 12.14
CA VAL A 126 20.04 -0.55 11.95
C VAL A 126 19.95 0.87 11.39
N TYR A 127 20.65 1.81 12.03
CA TYR A 127 20.57 3.19 11.63
C TYR A 127 21.05 3.37 10.20
N THR A 128 22.17 2.74 9.84
CA THR A 128 22.62 2.79 8.44
C THR A 128 21.53 2.32 7.48
N ARG A 129 20.88 1.20 7.80
CA ARG A 129 19.87 0.61 6.92
C ARG A 129 18.65 1.49 6.71
N VAL A 130 18.14 2.09 7.77
CA VAL A 130 16.94 2.92 7.65
C VAL A 130 17.21 4.25 6.93
N VAL A 131 18.37 4.85 7.18
CA VAL A 131 18.73 6.09 6.50
C VAL A 131 18.90 5.83 5.01
N ARG A 132 19.58 4.74 4.65
CA ARG A 132 19.71 4.33 3.25
C ARG A 132 18.36 4.01 2.64
N ARG A 133 17.49 3.32 3.37
CA ARG A 133 16.22 2.90 2.81
C ARG A 133 15.29 4.09 2.59
N THR A 134 15.18 4.97 3.59
CA THR A 134 14.32 6.14 3.45
C THR A 134 14.81 7.07 2.34
N LEU A 135 16.10 7.31 2.31
CA LEU A 135 16.70 8.09 1.25
C LEU A 135 16.37 7.53 -0.12
N LYS A 136 16.56 6.22 -0.32
CA LYS A 136 16.33 5.66 -1.64
C LYS A 136 14.85 5.65 -2.02
N ASN A 137 13.99 5.90 -1.03
CA ASN A 137 12.56 6.02 -1.30
C ASN A 137 12.10 7.46 -1.34
N GLY A 138 13.04 8.38 -1.50
CA GLY A 138 12.72 9.80 -1.72
C GLY A 138 12.51 10.66 -0.48
N THR A 139 12.72 10.09 0.71
CA THR A 139 12.58 10.90 1.93
C THR A 139 13.86 11.71 2.11
N THR A 140 13.78 13.02 1.87
CA THR A 140 14.95 13.87 1.98
C THR A 140 15.07 14.53 3.37
N THR A 141 13.95 14.60 4.08
CA THR A 141 13.92 15.09 5.45
C THR A 141 13.16 14.13 6.35
N ALA A 142 13.82 13.67 7.41
CA ALA A 142 13.18 12.78 8.35
C ALA A 142 13.30 13.33 9.78
N CYS A 143 12.21 13.23 10.52
CA CYS A 143 12.21 13.61 11.93
C CYS A 143 12.21 12.36 12.80
N TYR A 144 13.39 11.97 13.27
CA TYR A 144 13.59 10.68 13.92
C TYR A 144 13.37 10.66 15.44
N PHE A 145 12.75 9.58 15.91
CA PHE A 145 12.85 9.14 17.30
C PHE A 145 13.99 8.15 17.32
N ALA A 146 14.89 8.26 18.30
CA ALA A 146 15.95 7.29 18.45
C ALA A 146 15.66 6.41 19.67
N THR A 147 16.62 6.28 20.59
CA THR A 147 16.34 5.61 21.87
C THR A 147 16.73 6.51 23.03
N ILE A 148 16.59 6.01 24.24
CA ILE A 148 17.07 6.72 25.42
C ILE A 148 18.60 6.79 25.49
N HIS A 149 19.29 5.93 24.73
CA HIS A 149 20.76 5.93 24.75
C HIS A 149 21.31 7.14 24.02
N THR A 150 22.04 7.99 24.72
CA THR A 150 22.61 9.21 24.16
C THR A 150 23.65 8.92 23.08
N ASP A 151 24.61 8.06 23.39
CA ASP A 151 25.69 7.87 22.45
C ASP A 151 25.19 7.25 21.13
N SER A 152 24.24 6.33 21.23
CA SER A 152 23.69 5.67 20.04
C SER A 152 22.86 6.65 19.20
N SER A 153 22.13 7.55 19.86
CA SER A 153 21.37 8.55 19.14
C SER A 153 22.33 9.47 18.40
N LEU A 154 23.42 9.84 19.05
CA LEU A 154 24.44 10.64 18.40
C LEU A 154 25.00 9.91 17.18
N LEU A 155 25.04 8.58 17.26
CA LEU A 155 25.47 7.79 16.11
C LEU A 155 24.49 7.96 14.94
N LEU A 156 23.19 8.05 15.23
CA LEU A 156 22.21 8.25 14.16
C LEU A 156 22.44 9.58 13.45
N ALA A 157 22.68 10.62 14.23
CA ALA A 157 22.87 11.96 13.70
C ALA A 157 24.05 11.95 12.76
N ASP A 158 25.10 11.28 13.19
CA ASP A 158 26.32 11.20 12.43
C ASP A 158 26.08 10.41 11.13
N ILE A 159 25.23 9.38 11.21
CA ILE A 159 24.89 8.59 10.03
C ILE A 159 24.07 9.40 9.01
N THR A 160 23.05 10.11 9.47
CA THR A 160 22.32 10.97 8.53
C THR A 160 23.28 11.95 7.86
N ASP A 161 24.24 12.45 8.63
CA ASP A 161 25.20 13.42 8.13
C ASP A 161 26.11 12.79 7.09
N LYS A 162 26.51 11.55 7.33
CA LYS A 162 27.33 10.79 6.39
C LYS A 162 26.62 10.63 5.04
N PHE A 163 25.34 10.28 5.07
CA PHE A 163 24.57 10.01 3.86
C PHE A 163 23.95 11.25 3.22
N GLY A 164 23.87 12.35 3.98
CA GLY A 164 23.43 13.62 3.44
C GLY A 164 21.95 13.85 3.62
N GLN A 165 21.33 13.11 4.53
CA GLN A 165 19.90 13.27 4.76
C GLN A 165 19.70 14.42 5.72
N ARG A 166 18.74 15.30 5.41
CA ARG A 166 18.38 16.37 6.31
C ARG A 166 17.52 15.71 7.38
N ALA A 167 17.71 16.09 8.64
CA ALA A 167 17.03 15.37 9.71
C ALA A 167 16.97 16.06 11.07
N PHE A 168 16.01 15.67 11.88
CA PHE A 168 16.03 15.94 13.31
C PHE A 168 16.28 14.62 13.99
N VAL A 169 17.17 14.60 14.97
CA VAL A 169 17.42 13.38 15.76
C VAL A 169 17.12 13.61 17.25
N GLY A 170 16.20 12.82 17.78
CA GLY A 170 15.79 12.96 19.17
C GLY A 170 16.14 11.74 20.00
N LYS A 171 17.00 11.92 20.99
CA LYS A 171 17.21 10.91 22.03
C LYS A 171 15.93 10.85 22.85
N VAL A 172 15.39 9.66 23.08
CA VAL A 172 14.12 9.55 23.78
C VAL A 172 14.30 9.72 25.29
N CYS A 173 13.28 10.27 25.94
CA CYS A 173 13.31 10.52 27.37
C CYS A 173 12.15 9.86 28.09
N MET A 174 12.44 8.80 28.85
CA MET A 174 11.44 8.17 29.71
C MET A 174 11.99 7.72 31.05
N ASP A 175 11.38 8.23 32.11
CA ASP A 175 11.74 7.85 33.46
C ASP A 175 10.63 6.97 34.07
N LEU A 176 9.78 6.44 33.21
CA LEU A 176 8.64 5.62 33.60
C LEU A 176 8.43 4.48 32.61
N ASN A 177 8.44 3.24 33.12
CA ASN A 177 8.14 2.09 32.29
C ASN A 177 7.78 0.85 33.11
N ASP A 178 6.51 0.76 33.51
CA ASP A 178 5.98 -0.39 34.24
C ASP A 178 5.99 -1.60 33.32
N THR A 179 5.60 -1.37 32.05
CA THR A 179 5.43 -2.45 31.08
C THR A 179 6.72 -3.18 30.69
N PHE A 180 7.86 -2.48 30.75
CA PHE A 180 9.16 -3.07 30.41
C PHE A 180 10.29 -2.33 31.17
N PRO A 181 10.42 -2.61 32.48
CA PRO A 181 11.25 -1.82 33.40
C PRO A 181 12.75 -1.75 33.10
N GLU A 182 13.25 -2.67 32.27
CA GLU A 182 14.68 -2.64 31.92
C GLU A 182 15.01 -1.47 31.02
N TYR A 183 14.00 -0.97 30.32
CA TYR A 183 14.16 0.16 29.41
C TYR A 183 13.61 1.44 30.03
N LYS A 184 14.46 2.16 30.78
CA LYS A 184 14.10 3.48 31.30
C LYS A 184 15.28 4.15 31.99
N GLU A 185 15.09 5.42 32.33
CA GLU A 185 16.12 6.23 32.95
C GLU A 185 15.58 6.70 34.29
N THR A 186 16.47 7.13 35.18
CA THR A 186 16.03 7.88 36.34
C THR A 186 15.63 9.29 35.87
N THR A 187 14.83 10.01 36.65
CA THR A 187 14.46 11.36 36.25
C THR A 187 15.71 12.22 36.06
N GLU A 188 16.61 12.12 37.03
CA GLU A 188 17.85 12.88 37.06
C GLU A 188 18.74 12.53 35.86
N GLU A 189 18.96 11.24 35.65
CA GLU A 189 19.75 10.75 34.52
C GLU A 189 19.20 11.26 33.17
N SER A 190 17.87 11.28 33.06
CA SER A 190 17.22 11.67 31.81
C SER A 190 17.50 13.14 31.45
N ILE A 191 17.36 14.02 32.44
CA ILE A 191 17.74 15.42 32.27
C ILE A 191 19.20 15.58 31.86
N LYS A 192 20.13 15.08 32.68
CA LYS A 192 21.54 15.26 32.41
C LYS A 192 21.98 14.72 31.05
N GLU A 193 21.45 13.54 30.70
CA GLU A 193 21.83 12.86 29.45
C GLU A 193 21.18 13.52 28.23
N THR A 194 20.05 14.19 28.45
CA THR A 194 19.47 15.06 27.42
C THR A 194 20.32 16.34 27.21
N GLU A 195 20.69 17.01 28.30
CA GLU A 195 21.58 18.15 28.19
C GLU A 195 22.82 17.73 27.39
N ARG A 196 23.33 16.53 27.67
CA ARG A 196 24.58 16.07 27.03
C ARG A 196 24.40 15.72 25.56
N PHE A 197 23.27 15.10 25.24
CA PHE A 197 22.89 14.80 23.87
C PHE A 197 22.80 16.08 23.04
N VAL A 198 21.97 17.02 23.49
CA VAL A 198 21.87 18.28 22.77
C VAL A 198 23.25 18.91 22.57
N SER A 199 23.99 19.08 23.67
CA SER A 199 25.32 19.68 23.62
C SER A 199 26.29 18.96 22.68
N GLU A 200 26.38 17.65 22.80
CA GLU A 200 27.34 16.91 21.99
C GLU A 200 27.01 16.87 20.51
N MET A 201 25.72 16.97 20.19
CA MET A 201 25.29 17.07 18.79
C MET A 201 25.61 18.43 18.19
N LEU A 202 25.22 19.50 18.89
CA LEU A 202 25.57 20.86 18.46
C LEU A 202 27.07 21.02 18.27
N GLN A 203 27.86 20.40 19.15
CA GLN A 203 29.31 20.49 19.08
C GLN A 203 29.85 19.92 17.79
N LYS A 204 29.01 19.16 17.08
CA LYS A 204 29.45 18.48 15.86
C LYS A 204 29.54 19.45 14.69
N ASN A 205 28.81 20.56 14.79
CA ASN A 205 28.73 21.54 13.71
C ASN A 205 28.14 20.89 12.45
N TYR A 206 26.99 20.24 12.61
CA TYR A 206 26.30 19.56 11.48
C TYR A 206 25.57 20.54 10.60
N SER A 207 25.77 20.47 9.30
CA SER A 207 25.11 21.38 8.37
C SER A 207 23.61 21.16 8.36
N ARG A 208 23.19 19.91 8.59
CA ARG A 208 21.85 19.51 8.17
C ARG A 208 21.04 18.67 9.17
N VAL A 209 21.63 18.36 10.33
CA VAL A 209 20.93 17.62 11.38
C VAL A 209 20.84 18.43 12.66
N LYS A 210 19.66 18.46 13.27
CA LYS A 210 19.49 19.20 14.50
C LYS A 210 18.91 18.32 15.61
N PRO A 211 19.23 18.63 16.87
CA PRO A 211 18.67 17.83 17.94
C PRO A 211 17.23 18.25 18.20
N ILE A 212 16.44 17.33 18.73
CA ILE A 212 15.06 17.64 19.02
C ILE A 212 14.69 17.03 20.37
N VAL A 213 14.12 17.85 21.25
CA VAL A 213 13.70 17.39 22.57
C VAL A 213 12.50 16.45 22.44
N THR A 214 12.67 15.24 22.96
CA THR A 214 11.77 14.13 22.66
C THR A 214 11.23 13.43 23.92
N PRO A 215 10.17 13.99 24.54
CA PRO A 215 9.54 13.28 25.65
C PRO A 215 8.87 12.00 25.16
N GLY A 216 9.28 10.85 25.73
CA GLY A 216 8.71 9.56 25.35
C GLY A 216 7.36 9.26 26.01
N ASN A 217 6.92 8.01 25.90
CA ASN A 217 5.72 7.58 26.59
C ASN A 217 6.18 6.96 27.91
N GLY A 218 5.94 7.66 29.02
CA GLY A 218 6.56 7.28 30.28
C GLY A 218 7.42 8.41 30.81
N VAL A 219 6.77 9.54 31.06
CA VAL A 219 7.45 10.77 31.41
C VAL A 219 6.76 11.40 32.62
N SER A 220 7.49 11.48 33.74
CA SER A 220 6.92 12.07 34.96
C SER A 220 6.60 13.54 34.72
N GLU A 221 5.80 14.13 35.61
CA GLU A 221 5.50 15.56 35.50
C GLU A 221 6.75 16.39 35.75
N THR A 222 7.58 15.95 36.68
CA THR A 222 8.83 16.63 36.97
C THR A 222 9.75 16.64 35.75
N LEU A 223 9.91 15.48 35.09
CA LEU A 223 10.73 15.40 33.88
C LEU A 223 10.10 16.21 32.77
N MET A 224 8.77 16.25 32.75
CA MET A 224 8.02 17.00 31.76
C MET A 224 8.41 18.49 31.79
N GLY A 225 8.30 19.10 32.97
CA GLY A 225 8.66 20.51 33.13
C GLY A 225 10.13 20.84 32.89
N GLU A 226 11.00 19.89 33.21
CA GLU A 226 12.43 20.06 32.99
C GLU A 226 12.82 19.94 31.50
N LEU A 227 12.16 19.04 30.78
CA LEU A 227 12.39 18.90 29.35
C LEU A 227 11.91 20.16 28.63
N GLY A 228 10.77 20.70 29.07
CA GLY A 228 10.30 21.98 28.58
C GLY A 228 11.33 23.09 28.78
N ASN A 229 11.88 23.17 29.99
CA ASN A 229 12.88 24.19 30.31
C ASN A 229 14.05 24.12 29.35
N ILE A 230 14.55 22.90 29.13
CA ILE A 230 15.65 22.67 28.21
C ILE A 230 15.33 23.16 26.80
N ALA A 231 14.12 22.92 26.33
CA ALA A 231 13.74 23.38 25.00
C ALA A 231 13.63 24.90 24.94
N LYS A 232 12.99 25.49 25.95
CA LYS A 232 12.83 26.95 26.01
C LYS A 232 14.18 27.68 26.04
N THR A 233 15.01 27.37 27.02
CA THR A 233 16.28 28.08 27.18
C THR A 233 17.26 27.79 26.04
N ARG A 234 17.15 26.62 25.42
CA ARG A 234 18.06 26.28 24.33
C ARG A 234 17.43 26.57 22.97
N ASP A 235 16.17 27.02 22.98
CA ASP A 235 15.45 27.38 21.77
C ASP A 235 15.37 26.17 20.82
N LEU A 236 14.96 25.03 21.36
CA LEU A 236 14.98 23.78 20.61
C LEU A 236 13.61 23.36 20.09
N HIS A 237 13.63 22.52 19.05
CA HIS A 237 12.45 21.80 18.58
C HIS A 237 12.00 20.73 19.58
N ILE A 238 10.69 20.44 19.58
CA ILE A 238 10.10 19.38 20.40
C ILE A 238 9.26 18.42 19.56
N GLN A 239 9.27 17.13 19.92
CA GLN A 239 8.45 16.13 19.24
C GLN A 239 7.93 15.13 20.26
N SER A 240 6.65 14.83 20.18
CA SER A 240 6.09 13.81 21.05
C SER A 240 4.89 13.14 20.39
N HIS A 241 4.23 12.26 21.13
CA HIS A 241 2.98 11.65 20.72
C HIS A 241 1.87 12.33 21.49
N ILE A 242 0.72 12.51 20.85
CA ILE A 242 -0.46 12.98 21.54
C ILE A 242 -1.74 12.29 21.05
N SER A 243 -2.65 12.01 22.00
CA SER A 243 -4.00 11.49 21.70
C SER A 243 -4.05 10.45 20.58
N GLU A 244 -3.13 9.50 20.61
CA GLU A 244 -3.02 8.46 19.61
C GLU A 244 -4.15 7.43 19.67
N ASN A 245 -4.51 7.01 20.87
CA ASN A 245 -5.57 6.01 21.06
C ASN A 245 -6.41 6.21 22.33
N ARG A 246 -7.59 5.60 22.35
CA ARG A 246 -8.54 5.81 23.44
C ARG A 246 -7.98 5.43 24.83
N ASP A 247 -7.23 4.33 24.91
CA ASP A 247 -6.63 3.90 26.17
C ASP A 247 -5.59 4.89 26.67
N GLU A 248 -4.79 5.44 25.75
CA GLU A 248 -3.76 6.41 26.08
C GLU A 248 -4.35 7.71 26.61
N VAL A 249 -5.44 8.15 25.98
CA VAL A 249 -6.16 9.34 26.43
C VAL A 249 -6.62 9.14 27.87
N GLU A 250 -7.13 7.95 28.17
CA GLU A 250 -7.63 7.64 29.51
C GLU A 250 -6.48 7.51 30.51
N ALA A 251 -5.43 6.81 30.12
CA ALA A 251 -4.25 6.65 30.98
C ALA A 251 -3.68 8.02 31.36
N VAL A 252 -3.88 9.01 30.49
CA VAL A 252 -3.42 10.37 30.75
C VAL A 252 -4.32 11.10 31.74
N LYS A 253 -5.62 10.78 31.73
CA LYS A 253 -6.55 11.31 32.74
C LYS A 253 -6.14 10.87 34.16
N ASN A 254 -5.67 9.63 34.28
CA ASN A 254 -5.28 9.07 35.56
C ASN A 254 -3.95 9.60 36.07
N LEU A 255 -2.92 9.49 35.22
CA LEU A 255 -1.56 9.88 35.62
C LEU A 255 -1.46 11.38 35.90
N TYR A 256 -2.28 12.18 35.23
CA TYR A 256 -2.29 13.63 35.42
C TYR A 256 -3.72 14.10 35.65
N PRO A 257 -4.27 13.86 36.86
CA PRO A 257 -5.66 14.23 37.12
C PRO A 257 -5.82 15.73 37.26
N SER A 258 -4.71 16.41 37.56
CA SER A 258 -4.69 17.85 37.75
C SER A 258 -5.17 18.59 36.50
N TYR A 259 -4.65 18.19 35.34
CA TYR A 259 -4.82 18.93 34.09
C TYR A 259 -6.16 18.69 33.38
N LYS A 260 -6.50 19.61 32.48
CA LYS A 260 -7.74 19.53 31.73
C LYS A 260 -7.71 18.40 30.69
N ASN A 261 -6.64 18.34 29.90
CA ASN A 261 -6.46 17.29 28.90
C ASN A 261 -5.00 17.04 28.50
N TYR A 262 -4.81 16.09 27.60
CA TYR A 262 -3.50 15.72 27.07
C TYR A 262 -2.70 16.95 26.61
N THR A 263 -3.38 17.88 25.95
CA THR A 263 -2.74 19.06 25.38
C THR A 263 -2.23 20.02 26.44
N SER A 264 -3.05 20.28 27.46
CA SER A 264 -2.65 21.16 28.56
C SER A 264 -1.45 20.60 29.33
N VAL A 265 -1.46 19.30 29.59
CA VAL A 265 -0.29 18.64 30.18
C VAL A 265 1.03 19.10 29.56
N TYR A 266 1.10 19.09 28.23
CA TYR A 266 2.29 19.56 27.51
C TYR A 266 2.39 21.08 27.51
N ASP A 267 1.28 21.74 27.28
CA ASP A 267 1.27 23.19 27.13
C ASP A 267 1.80 23.88 28.38
N LYS A 268 1.29 23.44 29.54
CA LYS A 268 1.69 24.06 30.81
C LYS A 268 3.10 23.67 31.26
N ASN A 269 3.72 22.73 30.53
CA ASN A 269 5.09 22.34 30.83
C ASN A 269 6.10 22.81 29.79
N ASN A 270 5.69 23.81 29.00
CA ASN A 270 6.55 24.43 28.00
C ASN A 270 6.89 23.49 26.85
N LEU A 271 6.02 22.52 26.60
CA LEU A 271 6.27 21.53 25.58
C LEU A 271 5.28 21.64 24.42
N LEU A 272 4.66 22.81 24.28
CA LEU A 272 3.75 23.08 23.17
C LEU A 272 4.07 24.44 22.54
N THR A 273 5.10 24.46 21.68
CA THR A 273 5.64 25.71 21.16
C THR A 273 5.53 25.82 19.64
N ASN A 274 6.02 26.92 19.08
CA ASN A 274 6.02 27.10 17.64
C ASN A 274 7.14 26.33 16.96
N LYS A 275 7.80 25.46 17.74
CA LYS A 275 8.75 24.49 17.18
C LYS A 275 8.39 23.07 17.64
N THR A 276 7.12 22.85 17.98
CA THR A 276 6.66 21.56 18.46
C THR A 276 5.94 20.73 17.36
N VAL A 277 6.37 19.48 17.18
CA VAL A 277 5.58 18.50 16.41
C VAL A 277 4.98 17.42 17.30
N MET A 278 3.68 17.17 17.12
CA MET A 278 2.96 16.17 17.89
C MET A 278 2.37 15.08 16.96
N ALA A 279 2.79 13.84 17.16
CA ALA A 279 2.36 12.73 16.32
C ALA A 279 0.93 12.30 16.61
N HIS A 280 0.22 11.90 15.55
CA HIS A 280 -1.09 11.23 15.62
C HIS A 280 -2.26 12.19 15.80
N GLY A 281 -2.46 12.64 17.04
CA GLY A 281 -3.53 13.58 17.34
C GLY A 281 -4.93 13.07 17.07
N CYS A 282 -5.10 11.76 17.01
CA CYS A 282 -6.35 11.15 16.56
C CYS A 282 -7.54 11.59 17.40
N TYR A 283 -7.31 11.83 18.69
CA TYR A 283 -8.41 12.14 19.60
C TYR A 283 -8.34 13.55 20.20
N LEU A 284 -7.73 14.47 19.45
CA LEU A 284 -7.71 15.88 19.83
C LEU A 284 -9.06 16.53 19.55
N SER A 285 -9.61 17.17 20.58
CA SER A 285 -10.87 17.91 20.45
C SER A 285 -10.62 19.15 19.61
N ALA A 286 -11.70 19.85 19.27
CA ALA A 286 -11.61 21.13 18.57
C ALA A 286 -10.96 22.19 19.46
N GLU A 287 -11.32 22.22 20.73
CA GLU A 287 -10.70 23.16 21.66
C GLU A 287 -9.18 22.97 21.66
N GLU A 288 -8.73 21.71 21.65
CA GLU A 288 -7.30 21.43 21.66
C GLU A 288 -6.58 21.86 20.37
N LEU A 289 -7.26 21.73 19.24
CA LEU A 289 -6.70 22.19 17.97
C LEU A 289 -6.53 23.73 17.94
N ASN A 290 -7.43 24.43 18.62
CA ASN A 290 -7.29 25.88 18.75
C ASN A 290 -6.03 26.26 19.51
N VAL A 291 -5.74 25.55 20.59
CA VAL A 291 -4.49 25.78 21.30
C VAL A 291 -3.30 25.54 20.36
N PHE A 292 -3.33 24.44 19.62
CA PHE A 292 -2.25 24.12 18.68
C PHE A 292 -2.02 25.31 17.76
N HIS A 293 -3.11 25.86 17.22
CA HIS A 293 -3.05 27.03 16.35
C HIS A 293 -2.39 28.23 17.03
N GLU A 294 -2.89 28.57 18.22
CA GLU A 294 -2.33 29.68 18.98
C GLU A 294 -0.83 29.52 19.23
N ARG A 295 -0.39 28.30 19.53
CA ARG A 295 1.02 28.08 19.83
C ARG A 295 1.90 27.96 18.59
N GLY A 296 1.29 27.65 17.45
CA GLY A 296 2.04 27.36 16.24
C GLY A 296 2.62 25.96 16.30
N ALA A 297 1.98 25.09 17.09
CA ALA A 297 2.38 23.69 17.19
C ALA A 297 1.87 22.87 15.99
N SER A 298 2.66 21.87 15.57
CA SER A 298 2.33 21.04 14.39
C SER A 298 1.82 19.64 14.74
N ILE A 299 1.15 19.02 13.77
CA ILE A 299 0.74 17.62 13.88
C ILE A 299 1.41 16.75 12.80
N ALA A 300 1.89 15.58 13.21
CA ALA A 300 2.40 14.57 12.27
C ALA A 300 1.35 13.47 12.07
N HIS A 301 0.71 13.49 10.90
CA HIS A 301 -0.35 12.55 10.56
C HIS A 301 0.32 11.24 10.15
N CYS A 302 0.02 10.19 10.91
CA CYS A 302 0.60 8.88 10.66
C CYS A 302 -0.46 7.85 10.32
N PRO A 303 -0.99 7.90 9.08
CA PRO A 303 -2.14 7.06 8.69
C PRO A 303 -1.94 5.53 8.74
N ASN A 304 -0.80 5.03 8.27
CA ASN A 304 -0.58 3.58 8.26
C ASN A 304 -0.58 3.05 9.69
N SER A 305 0.18 3.69 10.57
CA SER A 305 0.18 3.37 11.98
C SER A 305 -1.22 3.43 12.62
N ASN A 306 -1.94 4.53 12.44
CA ASN A 306 -3.26 4.65 13.08
C ASN A 306 -4.17 3.49 12.71
N LEU A 307 -4.06 3.03 11.46
CA LEU A 307 -4.82 1.88 10.98
C LEU A 307 -4.24 0.53 11.40
N SER A 308 -2.91 0.37 11.26
CA SER A 308 -2.26 -0.89 11.58
C SER A 308 -2.44 -1.27 13.04
N LEU A 309 -2.43 -0.27 13.92
CA LEU A 309 -2.58 -0.53 15.35
C LEU A 309 -4.00 -0.29 15.81
N SER A 310 -4.91 -0.08 14.87
CA SER A 310 -6.29 0.17 15.23
C SER A 310 -6.35 1.24 16.32
N SER A 311 -5.71 2.38 16.07
CA SER A 311 -5.70 3.52 16.97
C SER A 311 -6.93 4.39 16.81
N GLY A 312 -7.11 4.93 15.61
CA GLY A 312 -8.22 5.84 15.32
C GLY A 312 -7.97 6.53 13.99
N PHE A 313 -8.77 7.57 13.71
CA PHE A 313 -8.64 8.34 12.48
C PHE A 313 -8.40 9.82 12.78
N LEU A 314 -7.33 10.37 12.26
CA LEU A 314 -7.10 11.81 12.31
C LEU A 314 -7.97 12.47 11.25
N ASN A 315 -8.84 13.38 11.68
CA ASN A 315 -9.64 14.17 10.76
C ASN A 315 -8.83 15.34 10.25
N VAL A 316 -8.17 15.14 9.11
CA VAL A 316 -7.21 16.09 8.60
C VAL A 316 -7.90 17.33 8.07
N LEU A 317 -9.09 17.12 7.52
CA LEU A 317 -9.93 18.21 7.04
C LEU A 317 -10.30 19.18 8.18
N GLU A 318 -10.50 18.66 9.40
CA GLU A 318 -10.80 19.52 10.55
C GLU A 318 -9.57 20.19 11.10
N VAL A 319 -8.46 19.46 11.15
CA VAL A 319 -7.16 20.05 11.49
C VAL A 319 -6.87 21.26 10.59
N LEU A 320 -6.99 21.08 9.28
CA LEU A 320 -6.76 22.17 8.33
C LEU A 320 -7.75 23.32 8.51
N LYS A 321 -9.00 23.01 8.81
CA LYS A 321 -10.00 24.05 9.05
C LYS A 321 -9.61 24.92 10.25
N HIS A 322 -8.97 24.30 11.24
CA HIS A 322 -8.48 25.01 12.41
C HIS A 322 -7.13 25.66 12.12
N GLU A 323 -6.66 25.53 10.89
CA GLU A 323 -5.41 26.13 10.46
C GLU A 323 -4.24 25.70 11.34
N VAL A 324 -4.19 24.40 11.62
CA VAL A 324 -3.05 23.82 12.30
C VAL A 324 -2.07 23.28 11.27
N LYS A 325 -0.79 23.50 11.49
CA LYS A 325 0.26 23.00 10.61
C LYS A 325 0.29 21.48 10.70
N ILE A 326 0.48 20.81 9.56
CA ILE A 326 0.37 19.38 9.51
C ILE A 326 1.16 18.73 8.37
N GLY A 327 1.89 17.68 8.71
CA GLY A 327 2.60 16.89 7.71
C GLY A 327 2.24 15.43 7.82
N LEU A 328 2.98 14.60 7.10
CA LEU A 328 2.76 13.16 7.14
C LEU A 328 3.97 12.48 7.75
N GLY A 329 3.71 11.37 8.44
CA GLY A 329 4.77 10.55 9.00
C GLY A 329 4.54 9.09 8.65
N THR A 330 5.57 8.30 8.83
CA THR A 330 5.57 6.91 8.47
C THR A 330 5.33 6.12 9.76
N ASP A 331 5.87 6.66 10.86
CA ASP A 331 5.84 6.05 12.20
C ASP A 331 6.31 4.60 12.25
N VAL A 332 7.36 4.27 11.49
CA VAL A 332 8.01 2.99 11.64
C VAL A 332 8.24 2.83 13.15
N ALA A 333 7.87 1.70 13.76
CA ALA A 333 7.30 0.52 13.10
C ALA A 333 5.78 0.36 13.35
N GLY A 334 5.20 1.26 14.16
CA GLY A 334 3.75 1.29 14.31
C GLY A 334 3.12 1.19 12.94
N GLY A 335 3.58 2.03 12.03
CA GLY A 335 3.30 1.86 10.61
C GLY A 335 4.44 1.02 10.05
N TYR A 336 4.12 -0.06 9.35
CA TYR A 336 5.16 -1.00 8.92
C TYR A 336 5.99 -0.49 7.73
N SER A 337 5.43 0.42 6.94
CA SER A 337 6.13 0.92 5.77
C SER A 337 7.07 2.09 6.07
N TYR A 338 8.25 2.01 5.46
CA TYR A 338 9.25 3.07 5.54
C TYR A 338 9.04 4.10 4.43
N SER A 339 8.01 3.92 3.62
CA SER A 339 7.85 4.76 2.43
C SER A 339 6.83 5.87 2.62
N MET A 340 7.24 7.10 2.31
CA MET A 340 6.31 8.24 2.32
C MET A 340 5.28 8.20 1.18
N LEU A 341 5.58 7.48 0.11
CA LEU A 341 4.55 7.14 -0.90
C LEU A 341 3.39 6.36 -0.26
N ASP A 342 3.71 5.33 0.52
CA ASP A 342 2.68 4.61 1.28
C ASP A 342 1.88 5.54 2.20
N ALA A 343 2.58 6.48 2.85
CA ALA A 343 1.92 7.41 3.77
C ALA A 343 0.91 8.32 3.03
N ILE A 344 1.27 8.72 1.82
CA ILE A 344 0.37 9.46 0.95
C ILE A 344 -0.89 8.66 0.63
N ARG A 345 -0.69 7.44 0.15
CA ARG A 345 -1.78 6.50 -0.15
C ARG A 345 -2.68 6.27 1.07
N ARG A 346 -2.07 6.06 2.24
CA ARG A 346 -2.86 5.81 3.45
C ARG A 346 -3.59 7.07 3.93
N ALA A 347 -2.95 8.23 3.81
CA ALA A 347 -3.63 9.48 4.21
C ALA A 347 -4.87 9.69 3.34
N VAL A 348 -4.74 9.46 2.03
CA VAL A 348 -5.92 9.58 1.16
C VAL A 348 -7.03 8.67 1.67
N MET A 349 -6.68 7.45 2.04
CA MET A 349 -7.69 6.47 2.42
C MET A 349 -8.37 6.77 3.75
N VAL A 350 -7.63 7.27 4.73
CA VAL A 350 -8.23 7.74 5.97
C VAL A 350 -9.28 8.84 5.72
N SER A 351 -8.98 9.79 4.84
CA SER A 351 -9.95 10.83 4.53
C SER A 351 -11.19 10.23 3.88
N ASN A 352 -11.01 9.16 3.11
CA ASN A 352 -12.15 8.47 2.48
C ASN A 352 -13.03 7.77 3.50
N ILE A 353 -12.40 7.15 4.49
CA ILE A 353 -13.14 6.51 5.55
C ILE A 353 -14.11 7.50 6.22
N LEU A 354 -13.62 8.69 6.52
CA LEU A 354 -14.45 9.72 7.14
C LEU A 354 -15.57 10.19 6.21
N LEU A 355 -15.29 10.23 4.91
CA LEU A 355 -16.35 10.56 3.96
C LEU A 355 -17.40 9.45 3.96
N ILE A 356 -16.94 8.20 3.94
CA ILE A 356 -17.83 7.02 3.90
C ILE A 356 -18.74 7.00 5.12
N ASN A 357 -18.20 7.33 6.28
CA ASN A 357 -18.95 7.34 7.54
C ASN A 357 -19.70 8.64 7.76
N LYS A 358 -19.56 9.58 6.83
CA LYS A 358 -20.32 10.82 6.90
C LYS A 358 -19.85 11.71 8.05
N VAL A 359 -18.63 11.49 8.51
CA VAL A 359 -18.00 12.42 9.44
C VAL A 359 -17.69 13.71 8.70
N ASN A 360 -17.14 13.58 7.49
CA ASN A 360 -16.86 14.71 6.62
C ASN A 360 -17.73 14.67 5.37
N GLU A 361 -18.01 15.84 4.80
CA GLU A 361 -18.77 15.93 3.55
C GLU A 361 -17.92 15.67 2.31
N LYS A 362 -16.60 15.73 2.47
CA LYS A 362 -15.71 15.41 1.37
C LYS A 362 -14.39 14.85 1.89
N SER A 363 -13.54 14.40 0.98
CA SER A 363 -12.28 13.81 1.37
C SER A 363 -11.14 14.65 0.81
N LEU A 364 -9.92 14.23 1.06
CA LEU A 364 -8.75 14.89 0.48
C LEU A 364 -8.44 14.31 -0.90
N THR A 365 -7.97 15.17 -1.80
CA THR A 365 -7.46 14.71 -3.08
C THR A 365 -6.00 14.27 -2.99
N LEU A 366 -5.56 13.43 -3.91
CA LEU A 366 -4.18 13.02 -3.99
C LEU A 366 -3.27 14.24 -4.02
N LYS A 367 -3.70 15.26 -4.75
CA LYS A 367 -2.90 16.47 -4.89
C LYS A 367 -2.73 17.20 -3.56
N GLU A 368 -3.83 17.30 -2.80
CA GLU A 368 -3.77 17.88 -1.47
C GLU A 368 -2.86 17.06 -0.55
N VAL A 369 -2.87 15.74 -0.69
CA VAL A 369 -2.05 14.92 0.19
C VAL A 369 -0.59 15.00 -0.22
N PHE A 370 -0.35 15.14 -1.51
CA PHE A 370 0.98 15.37 -2.03
C PHE A 370 1.56 16.71 -1.50
N ARG A 371 0.71 17.71 -1.32
CA ARG A 371 1.18 18.94 -0.69
C ARG A 371 1.60 18.68 0.77
N LEU A 372 0.76 17.96 1.51
CA LEU A 372 1.11 17.61 2.89
C LEU A 372 2.47 16.90 2.95
N ALA A 373 2.71 16.00 2.01
CA ALA A 373 3.89 15.13 2.10
C ALA A 373 5.18 15.91 1.88
N THR A 374 5.04 17.14 1.38
CA THR A 374 6.17 17.94 0.97
C THR A 374 6.18 19.30 1.67
N LEU A 375 5.42 20.24 1.10
CA LEU A 375 5.36 21.60 1.60
C LEU A 375 4.73 21.64 2.99
N GLY A 376 3.69 20.83 3.19
CA GLY A 376 3.03 20.74 4.49
C GLY A 376 3.96 20.25 5.57
N GLY A 377 4.65 19.15 5.32
CA GLY A 377 5.58 18.58 6.28
C GLY A 377 6.71 19.53 6.58
N SER A 378 7.20 20.22 5.56
CA SER A 378 8.30 21.16 5.76
C SER A 378 7.86 22.26 6.73
N GLN A 379 6.63 22.74 6.57
CA GLN A 379 6.09 23.72 7.50
C GLN A 379 5.96 23.18 8.93
N ALA A 380 5.52 21.94 9.08
CA ALA A 380 5.36 21.39 10.42
C ALA A 380 6.69 21.34 11.17
N LEU A 381 7.77 21.20 10.39
CA LEU A 381 9.14 21.11 10.93
C LEU A 381 9.79 22.50 10.97
N GLY A 382 9.03 23.52 10.60
CA GLY A 382 9.53 24.89 10.53
C GLY A 382 10.65 25.08 9.52
N LEU A 383 10.62 24.33 8.41
CA LEU A 383 11.66 24.41 7.41
C LEU A 383 11.12 24.88 6.06
N ASP A 384 9.87 25.35 6.06
CA ASP A 384 9.22 25.78 4.82
C ASP A 384 9.86 27.00 4.16
N GLY A 385 10.76 27.69 4.86
CA GLY A 385 11.49 28.81 4.25
C GLY A 385 12.72 28.34 3.48
N GLU A 386 13.05 27.06 3.59
CA GLU A 386 14.30 26.53 3.02
C GLU A 386 14.08 25.35 2.06
N ILE A 387 12.96 24.65 2.22
CA ILE A 387 12.67 23.44 1.47
C ILE A 387 11.17 23.29 1.25
N GLY A 388 10.77 22.22 0.59
CA GLY A 388 9.35 21.90 0.49
C GLY A 388 8.73 22.02 -0.88
N ASN A 389 9.24 22.93 -1.70
CA ASN A 389 8.86 23.01 -3.11
C ASN A 389 10.00 23.62 -3.92
N PHE A 390 9.69 24.11 -5.12
CA PHE A 390 10.74 24.64 -6.01
C PHE A 390 10.78 26.17 -6.10
N GLU A 391 10.42 26.87 -5.04
CA GLU A 391 10.56 28.34 -4.99
C GLU A 391 12.02 28.74 -5.07
N VAL A 392 12.31 29.79 -5.84
CA VAL A 392 13.69 30.25 -5.98
C VAL A 392 14.31 30.60 -4.60
N GLY A 393 15.57 30.21 -4.43
CA GLY A 393 16.29 30.50 -3.19
C GLY A 393 16.20 29.39 -2.14
N LYS A 394 15.31 28.43 -2.36
CA LYS A 394 15.24 27.28 -1.47
C LYS A 394 16.38 26.33 -1.77
N GLU A 395 16.63 25.40 -0.84
CA GLU A 395 17.59 24.31 -1.06
C GLU A 395 17.02 23.34 -2.08
N PHE A 396 17.89 22.82 -2.95
CA PHE A 396 17.49 21.79 -3.89
C PHE A 396 17.46 20.41 -3.23
N ASP A 397 16.37 20.14 -2.50
CA ASP A 397 16.03 18.79 -2.09
C ASP A 397 15.03 18.29 -3.11
N ALA A 398 15.43 17.30 -3.90
CA ALA A 398 14.57 16.87 -5.00
C ALA A 398 14.80 15.42 -5.40
N ILE A 399 13.83 14.85 -6.11
CA ILE A 399 13.93 13.45 -6.52
C ILE A 399 13.52 13.34 -7.99
N LEU A 400 14.38 12.72 -8.78
CA LEU A 400 14.13 12.55 -10.20
C LEU A 400 13.32 11.26 -10.37
N ILE A 401 12.15 11.39 -10.96
CA ILE A 401 11.25 10.27 -11.11
C ILE A 401 11.20 9.77 -12.54
N ASN A 402 11.33 8.46 -12.71
CA ASN A 402 11.25 7.83 -14.01
C ASN A 402 10.24 6.68 -14.00
N PRO A 403 9.00 6.96 -14.36
CA PRO A 403 7.94 5.96 -14.44
C PRO A 403 8.27 4.81 -15.40
N LYS A 404 9.13 5.05 -16.38
CA LYS A 404 9.58 4.00 -17.31
C LYS A 404 10.95 3.43 -16.96
N ALA A 405 11.32 3.43 -15.69
CA ALA A 405 12.64 2.93 -15.30
C ALA A 405 12.73 1.42 -15.54
N SER A 406 13.94 0.88 -15.51
CA SER A 406 14.11 -0.58 -15.64
C SER A 406 13.33 -1.32 -14.56
N ASP A 407 12.51 -2.29 -14.99
CA ASP A 407 11.75 -3.11 -14.06
C ASP A 407 10.68 -2.30 -13.31
N SER A 408 10.26 -1.20 -13.91
CA SER A 408 9.25 -0.31 -13.34
C SER A 408 7.99 -1.05 -12.92
N PRO A 409 7.48 -0.75 -11.72
CA PRO A 409 6.20 -1.29 -11.29
C PRO A 409 5.00 -0.70 -12.07
N ILE A 410 5.24 0.29 -12.92
CA ILE A 410 4.15 0.94 -13.64
C ILE A 410 4.23 0.63 -15.14
N ASP A 411 3.07 0.34 -15.73
CA ASP A 411 2.98 0.21 -17.18
C ASP A 411 2.33 1.47 -17.73
N LEU A 412 3.00 2.13 -18.65
CA LEU A 412 2.43 3.35 -19.22
C LEU A 412 1.83 3.06 -20.58
N PHE A 413 0.79 3.82 -20.91
CA PHE A 413 0.09 3.70 -22.18
C PHE A 413 -0.03 5.08 -22.81
N TYR A 414 -0.09 5.12 -24.13
CA TYR A 414 -0.25 6.39 -24.84
C TYR A 414 -1.41 7.19 -24.23
N GLY A 415 -1.13 8.43 -23.84
CA GLY A 415 -2.09 9.25 -23.12
C GLY A 415 -1.56 9.64 -21.74
N ASP A 416 -0.62 8.85 -21.21
CA ASP A 416 -0.10 9.09 -19.87
C ASP A 416 0.80 10.32 -19.77
N PHE A 417 1.53 10.64 -20.84
CA PHE A 417 2.59 11.64 -20.73
C PHE A 417 2.40 12.95 -21.48
N PHE A 418 1.15 13.29 -21.82
CA PHE A 418 0.85 14.59 -22.38
C PHE A 418 -0.54 15.03 -21.96
N GLY A 419 -0.85 16.30 -22.20
CA GLY A 419 -2.09 16.88 -21.73
C GLY A 419 -1.93 17.11 -20.25
N ASP A 420 -2.99 16.85 -19.50
CA ASP A 420 -2.98 17.06 -18.06
C ASP A 420 -2.34 15.85 -17.38
N ILE A 421 -1.01 15.87 -17.25
CA ILE A 421 -0.32 14.72 -16.71
C ILE A 421 -0.49 14.61 -15.20
N SER A 422 -0.87 15.72 -14.57
CA SER A 422 -1.16 15.75 -13.14
C SER A 422 -2.34 14.82 -12.81
N GLU A 423 -3.09 14.43 -13.84
CA GLU A 423 -4.21 13.49 -13.69
C GLU A 423 -3.84 12.10 -14.20
N ALA A 424 -2.61 11.93 -14.68
CA ALA A 424 -2.19 10.67 -15.29
C ALA A 424 -0.92 10.06 -14.66
N VAL A 425 0.19 10.07 -15.41
CA VAL A 425 1.43 9.47 -14.91
C VAL A 425 1.83 9.91 -13.51
N ILE A 426 1.60 11.17 -13.19
CA ILE A 426 2.02 11.66 -11.90
C ILE A 426 1.30 10.93 -10.79
N GLN A 427 0.00 10.75 -10.97
CA GLN A 427 -0.81 9.98 -10.03
C GLN A 427 -0.45 8.51 -10.07
N LYS A 428 -0.13 7.99 -11.25
CA LYS A 428 0.26 6.59 -11.37
C LYS A 428 1.54 6.34 -10.56
N PHE A 429 2.49 7.26 -10.66
CA PHE A 429 3.69 7.15 -9.85
C PHE A 429 3.33 7.19 -8.37
N LEU A 430 2.50 8.16 -8.00
CA LEU A 430 2.13 8.35 -6.60
C LEU A 430 1.40 7.16 -6.01
N TYR A 431 0.57 6.49 -6.81
CA TYR A 431 -0.22 5.34 -6.34
C TYR A 431 0.50 3.98 -6.49
N LEU A 432 1.38 3.85 -7.48
CA LEU A 432 1.92 2.55 -7.87
C LEU A 432 3.44 2.49 -7.93
N GLY A 433 4.11 3.63 -7.74
CA GLY A 433 5.56 3.68 -7.85
C GLY A 433 6.30 3.17 -6.63
N ASP A 434 7.61 2.96 -6.79
CA ASP A 434 8.49 2.60 -5.68
C ASP A 434 9.92 3.05 -6.00
N ASP A 435 10.90 2.59 -5.21
CA ASP A 435 12.27 3.09 -5.34
C ASP A 435 12.87 2.85 -6.73
N ARG A 436 12.24 2.01 -7.54
CA ARG A 436 12.80 1.70 -8.86
C ARG A 436 12.64 2.90 -9.78
N ASN A 437 11.64 3.71 -9.49
CA ASN A 437 11.31 4.87 -10.31
C ASN A 437 12.06 6.12 -9.86
N ILE A 438 12.59 6.07 -8.66
CA ILE A 438 13.33 7.18 -8.09
C ILE A 438 14.78 7.03 -8.52
N GLU A 439 15.16 7.78 -9.54
CA GLU A 439 16.47 7.59 -10.16
C GLU A 439 17.59 8.28 -9.41
N GLU A 440 17.33 9.50 -8.98
CA GLU A 440 18.34 10.28 -8.27
C GLU A 440 17.69 11.09 -7.18
N VAL A 441 18.40 11.26 -6.08
CA VAL A 441 17.88 12.02 -4.95
C VAL A 441 18.90 13.10 -4.61
N TYR A 442 18.41 14.32 -4.41
CA TYR A 442 19.27 15.47 -4.11
C TYR A 442 18.87 16.08 -2.79
N VAL A 443 19.85 16.31 -1.93
CA VAL A 443 19.64 17.06 -0.70
C VAL A 443 20.60 18.26 -0.64
N GLY A 444 20.04 19.45 -0.46
CA GLY A 444 20.83 20.67 -0.51
C GLY A 444 21.66 20.76 -1.77
N GLY A 445 21.13 20.28 -2.88
CA GLY A 445 21.83 20.35 -4.17
C GLY A 445 22.87 19.27 -4.38
N LYS A 446 23.15 18.50 -3.33
CA LYS A 446 24.07 17.37 -3.40
C LYS A 446 23.34 16.08 -3.75
N GLN A 447 23.84 15.35 -4.75
CA GLN A 447 23.25 14.08 -5.13
C GLN A 447 23.65 12.99 -4.14
N VAL A 448 22.67 12.51 -3.38
CA VAL A 448 22.92 11.57 -2.30
C VAL A 448 22.54 10.15 -2.72
N VAL A 449 21.76 10.05 -3.80
CA VAL A 449 21.38 8.77 -4.39
C VAL A 449 21.49 8.87 -5.91
N PRO A 450 22.16 7.90 -6.56
CA PRO A 450 22.78 6.68 -6.04
C PRO A 450 23.87 6.89 -5.01
N PHE A 451 24.07 5.89 -4.16
CA PHE A 451 25.09 5.95 -3.11
C PHE A 451 26.47 5.71 -3.69
N SER A 452 27.44 6.47 -3.23
CA SER A 452 28.83 6.36 -3.69
C SER A 452 29.36 4.93 -3.63
N PRO B 11 8.03 -40.52 -13.60
CA PRO B 11 9.11 -39.55 -13.44
C PRO B 11 8.58 -38.18 -13.02
N LEU B 12 9.01 -37.71 -11.85
CA LEU B 12 8.53 -36.43 -11.33
C LEU B 12 9.15 -35.27 -12.09
N ALA B 13 8.35 -34.24 -12.37
CA ALA B 13 8.85 -33.05 -13.06
C ALA B 13 9.76 -32.23 -12.15
N HIS B 14 9.41 -32.19 -10.86
CA HIS B 14 10.20 -31.47 -9.88
C HIS B 14 10.18 -32.16 -8.53
N ILE B 15 11.28 -32.03 -7.79
CA ILE B 15 11.30 -32.32 -6.37
C ILE B 15 11.97 -31.12 -5.71
N PHE B 16 11.30 -30.49 -4.75
CA PHE B 16 11.82 -29.31 -4.08
C PHE B 16 12.09 -29.62 -2.61
N ARG B 17 13.22 -29.14 -2.08
CA ARG B 17 13.48 -29.21 -0.65
C ARG B 17 13.65 -27.84 -0.02
N GLY B 18 12.82 -27.54 0.96
CA GLY B 18 12.92 -26.26 1.66
C GLY B 18 11.67 -26.01 2.46
N THR B 19 11.27 -24.76 2.56
CA THR B 19 10.11 -24.46 3.38
C THR B 19 8.91 -24.03 2.56
N PHE B 20 7.75 -24.47 3.03
CA PHE B 20 6.49 -24.31 2.34
C PHE B 20 5.50 -23.65 3.30
N VAL B 21 4.82 -22.64 2.81
CA VAL B 21 3.93 -21.83 3.62
C VAL B 21 2.59 -21.84 2.91
N HIS B 22 1.54 -22.31 3.60
CA HIS B 22 0.22 -22.33 3.00
C HIS B 22 -0.86 -22.32 4.08
N SER B 23 -2.13 -22.37 3.68
CA SER B 23 -3.21 -22.43 4.65
C SER B 23 -3.95 -23.75 4.55
N THR B 24 -4.61 -24.14 5.63
CA THR B 24 -5.59 -25.22 5.60
C THR B 24 -6.85 -24.65 6.28
N TRP B 25 -7.92 -25.43 6.33
CA TRP B 25 -9.16 -24.92 6.89
C TRP B 25 -9.16 -24.83 8.42
N THR B 26 -8.11 -25.33 9.05
CA THR B 26 -8.03 -25.23 10.51
C THR B 26 -6.77 -24.51 10.96
N CYS B 27 -6.02 -23.99 9.99
CA CYS B 27 -4.75 -23.37 10.29
C CYS B 27 -4.49 -22.24 9.29
N PRO B 28 -4.71 -20.99 9.73
CA PRO B 28 -4.59 -19.82 8.85
C PRO B 28 -3.27 -19.85 8.07
N MET B 29 -2.19 -20.21 8.77
CA MET B 29 -0.89 -20.31 8.12
C MET B 29 -0.04 -21.42 8.71
N GLU B 30 0.39 -22.33 7.86
CA GLU B 30 1.21 -23.44 8.29
C GLU B 30 2.58 -23.34 7.63
N VAL B 31 3.63 -23.30 8.45
CA VAL B 31 4.97 -23.25 7.91
C VAL B 31 5.61 -24.64 7.96
N LEU B 32 5.96 -25.16 6.78
CA LEU B 32 6.56 -26.49 6.72
C LEU B 32 8.03 -26.39 6.40
N ARG B 33 8.86 -26.57 7.42
CA ARG B 33 10.29 -26.33 7.28
C ARG B 33 11.04 -27.60 6.87
N ASP B 34 12.05 -27.41 6.01
CA ASP B 34 12.84 -28.51 5.49
C ASP B 34 11.93 -29.70 5.17
N HIS B 35 10.99 -29.47 4.25
CA HIS B 35 10.15 -30.54 3.73
C HIS B 35 10.55 -30.82 2.30
N LEU B 36 10.11 -31.95 1.79
CA LEU B 36 10.32 -32.31 0.40
C LEU B 36 8.97 -32.28 -0.31
N LEU B 37 8.96 -31.79 -1.54
CA LEU B 37 7.71 -31.74 -2.29
C LEU B 37 7.92 -32.20 -3.73
N GLY B 38 7.12 -33.15 -4.17
CA GLY B 38 7.24 -33.71 -5.51
C GLY B 38 6.15 -33.26 -6.47
N VAL B 39 6.53 -33.11 -7.74
CA VAL B 39 5.59 -32.66 -8.74
C VAL B 39 5.59 -33.64 -9.93
N SER B 40 4.43 -34.23 -10.19
CA SER B 40 4.30 -35.24 -11.23
C SER B 40 4.48 -34.63 -12.61
N ASP B 41 4.63 -35.49 -13.61
CA ASP B 41 4.76 -35.07 -15.01
C ASP B 41 3.54 -34.28 -15.46
N SER B 42 2.43 -34.46 -14.74
CA SER B 42 1.15 -33.86 -15.10
C SER B 42 0.81 -32.64 -14.23
N GLY B 43 1.75 -32.24 -13.38
CA GLY B 43 1.63 -30.98 -12.63
C GLY B 43 1.01 -31.08 -11.26
N LYS B 44 0.94 -32.30 -10.72
CA LYS B 44 0.25 -32.50 -9.45
C LYS B 44 1.20 -32.72 -8.27
N ILE B 45 0.76 -32.29 -7.09
CA ILE B 45 1.49 -32.53 -5.86
C ILE B 45 1.37 -33.99 -5.44
N VAL B 46 2.50 -34.68 -5.49
CA VAL B 46 2.57 -36.12 -5.36
C VAL B 46 2.85 -36.59 -3.92
N PHE B 47 3.67 -35.83 -3.19
CA PHE B 47 3.94 -36.06 -1.77
C PHE B 47 4.41 -34.77 -1.17
N LEU B 48 4.27 -34.65 0.14
CA LEU B 48 4.81 -33.53 0.89
C LEU B 48 5.14 -33.96 2.31
N GLU B 49 6.42 -34.13 2.58
CA GLU B 49 6.81 -34.64 3.89
C GLU B 49 8.17 -34.13 4.37
N GLU B 50 8.32 -34.11 5.68
CA GLU B 50 9.60 -33.81 6.32
C GLU B 50 10.75 -34.45 5.56
N ALA B 51 11.85 -33.72 5.45
CA ALA B 51 13.00 -34.15 4.67
C ALA B 51 13.69 -35.40 5.23
N SER B 52 13.39 -35.74 6.48
CA SER B 52 13.91 -36.97 7.08
C SER B 52 13.44 -38.21 6.30
N GLN B 53 12.24 -38.12 5.74
CA GLN B 53 11.64 -39.21 4.97
C GLN B 53 12.25 -39.36 3.57
N GLN B 54 13.33 -38.65 3.30
CA GLN B 54 13.93 -38.66 1.97
C GLN B 54 14.17 -40.07 1.40
N GLU B 55 14.79 -40.93 2.20
CA GLU B 55 15.14 -42.28 1.75
C GLU B 55 13.91 -43.09 1.35
N LYS B 56 12.92 -43.14 2.23
CA LYS B 56 11.67 -43.83 1.96
C LYS B 56 10.99 -43.30 0.69
N LEU B 57 11.04 -41.98 0.49
CA LEU B 57 10.45 -41.36 -0.70
C LEU B 57 11.24 -41.66 -1.96
N ALA B 58 12.56 -41.58 -1.88
CA ALA B 58 13.41 -41.94 -3.00
C ALA B 58 13.06 -43.34 -3.52
N LYS B 59 12.59 -44.19 -2.61
CA LYS B 59 12.20 -45.54 -2.96
C LYS B 59 10.77 -45.57 -3.52
N GLU B 60 9.80 -45.15 -2.71
CA GLU B 60 8.40 -45.04 -3.12
C GLU B 60 8.18 -44.40 -4.50
N TRP B 61 9.07 -43.46 -4.87
CA TRP B 61 8.84 -42.63 -6.06
C TRP B 61 9.98 -42.70 -7.08
N CYS B 62 10.97 -43.52 -6.79
CA CYS B 62 12.00 -43.86 -7.77
C CYS B 62 12.72 -42.64 -8.36
N PHE B 63 13.15 -41.74 -7.48
CA PHE B 63 14.01 -40.64 -7.87
C PHE B 63 15.37 -40.74 -7.18
N LYS B 64 16.41 -40.20 -7.80
CA LYS B 64 17.73 -40.15 -7.19
C LYS B 64 17.92 -38.80 -6.51
N PRO B 65 18.64 -38.80 -5.37
CA PRO B 65 18.93 -37.59 -4.59
C PRO B 65 19.42 -36.38 -5.40
N CYS B 66 20.17 -36.61 -6.46
CA CYS B 66 20.72 -35.50 -7.23
C CYS B 66 19.64 -34.77 -8.01
N GLU B 67 18.44 -35.33 -8.01
CA GLU B 67 17.29 -34.74 -8.73
C GLU B 67 16.55 -33.72 -7.87
N ILE B 68 16.91 -33.67 -6.59
CA ILE B 68 16.28 -32.76 -5.66
C ILE B 68 16.80 -31.35 -5.83
N ARG B 69 15.90 -30.39 -6.04
CA ARG B 69 16.31 -28.99 -6.00
C ARG B 69 16.24 -28.48 -4.57
N GLU B 70 17.39 -28.10 -4.03
CA GLU B 70 17.48 -27.51 -2.70
C GLU B 70 17.30 -26.01 -2.73
N LEU B 71 16.22 -25.55 -2.10
CA LEU B 71 15.97 -24.13 -1.91
C LEU B 71 16.96 -23.56 -0.90
N SER B 72 17.24 -22.26 -1.02
CA SER B 72 17.99 -21.56 0.01
C SER B 72 17.16 -21.50 1.29
N HIS B 73 17.81 -21.53 2.45
CA HIS B 73 17.11 -21.41 3.73
C HIS B 73 16.34 -20.08 3.87
N HIS B 74 16.75 -19.06 3.11
CA HIS B 74 16.04 -17.78 3.08
C HIS B 74 14.78 -17.78 2.20
N GLU B 75 14.71 -18.70 1.24
CA GLU B 75 13.58 -18.77 0.31
C GLU B 75 12.45 -19.60 0.89
N PHE B 76 11.24 -19.30 0.45
CA PHE B 76 10.11 -20.16 0.74
C PHE B 76 9.10 -20.16 -0.41
N PHE B 77 8.44 -21.29 -0.61
CA PHE B 77 7.33 -21.38 -1.52
C PHE B 77 6.04 -21.02 -0.79
N MET B 78 5.11 -20.41 -1.52
CA MET B 78 3.74 -20.27 -1.04
C MET B 78 2.81 -20.43 -2.24
N PRO B 79 1.51 -20.66 -1.99
CA PRO B 79 0.61 -20.91 -3.11
C PRO B 79 0.42 -19.65 -3.93
N GLY B 80 0.11 -19.81 -5.22
CA GLY B 80 -0.21 -18.66 -6.07
C GLY B 80 -1.35 -17.87 -5.48
N LEU B 81 -1.31 -16.55 -5.64
CA LEU B 81 -2.39 -15.69 -5.16
C LEU B 81 -3.58 -15.74 -6.12
N VAL B 82 -4.78 -15.68 -5.56
CA VAL B 82 -6.00 -15.85 -6.34
C VAL B 82 -6.84 -14.58 -6.35
N ASP B 83 -6.78 -13.84 -7.46
CA ASP B 83 -7.55 -12.60 -7.65
C ASP B 83 -8.96 -12.89 -8.14
N THR B 84 -9.94 -12.75 -7.25
CA THR B 84 -11.29 -13.13 -7.57
C THR B 84 -12.11 -12.06 -8.33
N HIS B 85 -11.50 -10.90 -8.59
CA HIS B 85 -12.22 -9.81 -9.26
C HIS B 85 -11.29 -8.73 -9.76
N ILE B 86 -11.20 -8.62 -11.09
CA ILE B 86 -10.31 -7.65 -11.71
C ILE B 86 -10.82 -7.32 -13.10
N HIS B 87 -10.84 -6.04 -13.47
CA HIS B 87 -11.22 -5.68 -14.84
C HIS B 87 -9.97 -5.57 -15.68
N ALA B 88 -9.70 -6.60 -16.48
CA ALA B 88 -8.52 -6.58 -17.34
C ALA B 88 -8.55 -5.38 -18.28
N SER B 89 -9.74 -5.03 -18.76
CA SER B 89 -9.91 -3.94 -19.71
C SER B 89 -9.81 -2.54 -19.09
N GLN B 90 -9.46 -2.47 -17.82
CA GLN B 90 -9.36 -1.16 -17.15
C GLN B 90 -7.92 -0.84 -16.76
N TYR B 91 -7.02 -1.76 -17.11
CA TYR B 91 -5.60 -1.61 -16.78
C TYR B 91 -4.89 -0.38 -17.38
N SER B 92 -5.30 0.09 -18.55
CA SER B 92 -4.57 1.19 -19.20
C SER B 92 -4.57 2.53 -18.44
N PHE B 93 -5.59 2.79 -17.63
CA PHE B 93 -5.61 3.99 -16.80
C PHE B 93 -5.54 3.68 -15.31
N ALA B 94 -5.38 2.40 -14.94
CA ALA B 94 -5.26 2.08 -13.53
C ALA B 94 -4.14 2.91 -12.91
N GLY B 95 -4.48 3.67 -11.86
CA GLY B 95 -3.49 4.50 -11.19
C GLY B 95 -3.70 5.98 -11.47
N SER B 96 -4.71 6.30 -12.29
CA SER B 96 -4.99 7.68 -12.67
C SER B 96 -5.89 8.34 -11.64
N SER B 97 -6.26 9.60 -11.89
CA SER B 97 -7.08 10.35 -10.96
C SER B 97 -8.37 9.61 -10.62
N ILE B 98 -8.63 9.46 -9.33
CA ILE B 98 -9.95 9.01 -8.89
C ILE B 98 -10.64 10.10 -8.08
N ASP B 99 -10.09 11.31 -8.13
CA ASP B 99 -10.66 12.44 -7.39
C ASP B 99 -11.73 13.13 -8.24
N LEU B 100 -12.87 12.46 -8.31
CA LEU B 100 -13.88 12.75 -9.29
C LEU B 100 -15.09 11.96 -8.84
N PRO B 101 -16.29 12.52 -9.02
CA PRO B 101 -17.50 11.77 -8.70
C PRO B 101 -17.53 10.48 -9.52
N LEU B 102 -18.09 9.41 -8.94
CA LEU B 102 -18.06 8.11 -9.59
C LEU B 102 -18.54 8.22 -11.03
N LEU B 103 -19.65 8.92 -11.22
CA LEU B 103 -20.23 9.18 -12.53
C LEU B 103 -19.21 9.71 -13.54
N GLU B 104 -18.46 10.73 -13.14
CA GLU B 104 -17.50 11.35 -14.04
C GLU B 104 -16.32 10.41 -14.29
N TRP B 105 -15.95 9.68 -13.24
CA TRP B 105 -14.94 8.64 -13.35
C TRP B 105 -15.33 7.65 -14.44
N LEU B 106 -16.59 7.22 -14.41
CA LEU B 106 -17.09 6.26 -15.40
C LEU B 106 -17.07 6.82 -16.81
N THR B 107 -17.48 8.07 -16.93
CA THR B 107 -17.69 8.72 -18.22
C THR B 107 -16.38 9.15 -18.83
N LYS B 108 -15.45 9.57 -17.96
CA LYS B 108 -14.14 10.05 -18.41
C LYS B 108 -13.12 8.93 -18.62
N TYR B 109 -13.16 7.90 -17.77
CA TYR B 109 -12.13 6.85 -17.80
C TYR B 109 -12.66 5.50 -18.24
N THR B 110 -13.51 4.92 -17.42
CA THR B 110 -13.94 3.55 -17.58
C THR B 110 -14.55 3.24 -18.94
N PHE B 111 -15.64 3.92 -19.28
CA PHE B 111 -16.34 3.64 -20.53
C PHE B 111 -15.52 3.92 -21.81
N PRO B 112 -14.87 5.09 -21.90
CA PRO B 112 -13.99 5.35 -23.04
C PRO B 112 -12.90 4.30 -23.19
N ALA B 113 -12.38 3.79 -22.08
CA ALA B 113 -11.33 2.78 -22.11
C ALA B 113 -11.87 1.46 -22.64
N GLU B 114 -12.96 1.01 -22.04
CA GLU B 114 -13.56 -0.27 -22.43
C GLU B 114 -14.10 -0.21 -23.85
N HIS B 115 -14.64 0.95 -24.21
CA HIS B 115 -15.18 1.17 -25.55
C HIS B 115 -14.10 1.01 -26.60
N ARG B 116 -12.89 1.37 -26.24
CA ARG B 116 -11.74 1.30 -27.15
C ARG B 116 -11.37 -0.14 -27.52
N PHE B 117 -12.00 -1.12 -26.84
CA PHE B 117 -11.65 -2.51 -27.07
C PHE B 117 -12.31 -3.09 -28.32
N GLN B 118 -12.98 -2.22 -29.07
CA GLN B 118 -13.45 -2.61 -30.40
C GLN B 118 -12.24 -2.75 -31.32
N ASN B 119 -11.15 -2.08 -30.96
CA ASN B 119 -9.89 -2.19 -31.69
C ASN B 119 -9.05 -3.36 -31.15
N ILE B 120 -8.88 -4.38 -31.97
CA ILE B 120 -8.21 -5.61 -31.55
C ILE B 120 -6.75 -5.37 -31.11
N ASP B 121 -6.11 -4.35 -31.70
CA ASP B 121 -4.74 -4.01 -31.36
C ASP B 121 -4.62 -3.32 -29.99
N PHE B 122 -5.59 -2.48 -29.64
CA PHE B 122 -5.61 -1.93 -28.30
C PHE B 122 -5.82 -3.07 -27.28
N ALA B 123 -6.73 -3.97 -27.61
CA ALA B 123 -7.02 -5.10 -26.76
C ALA B 123 -5.76 -5.91 -26.54
N GLU B 124 -5.04 -6.19 -27.62
CA GLU B 124 -3.84 -6.99 -27.53
C GLU B 124 -2.83 -6.36 -26.60
N GLU B 125 -2.59 -5.06 -26.82
CA GLU B 125 -1.64 -4.31 -26.01
C GLU B 125 -1.98 -4.39 -24.53
N VAL B 126 -3.15 -3.90 -24.16
CA VAL B 126 -3.54 -3.88 -22.77
C VAL B 126 -3.57 -5.27 -22.13
N TYR B 127 -4.21 -6.23 -22.81
CA TYR B 127 -4.42 -7.54 -22.22
C TYR B 127 -3.11 -8.30 -22.01
N THR B 128 -2.20 -8.20 -22.97
CA THR B 128 -0.87 -8.77 -22.81
C THR B 128 -0.20 -8.15 -21.59
N ARG B 129 -0.35 -6.84 -21.43
CA ARG B 129 0.31 -6.16 -20.32
C ARG B 129 -0.23 -6.54 -18.94
N VAL B 130 -1.55 -6.63 -18.81
CA VAL B 130 -2.18 -6.93 -17.54
C VAL B 130 -1.99 -8.40 -17.14
N VAL B 131 -1.91 -9.29 -18.13
CA VAL B 131 -1.64 -10.70 -17.81
C VAL B 131 -0.19 -10.88 -17.35
N ARG B 132 0.76 -10.28 -18.07
CA ARG B 132 2.15 -10.30 -17.65
C ARG B 132 2.31 -9.70 -16.25
N ARG B 133 1.72 -8.53 -16.04
CA ARG B 133 1.92 -7.79 -14.79
C ARG B 133 1.40 -8.58 -13.58
N THR B 134 0.25 -9.21 -13.72
CA THR B 134 -0.34 -9.89 -12.57
C THR B 134 0.38 -11.22 -12.27
N LEU B 135 0.82 -11.91 -13.32
CA LEU B 135 1.63 -13.10 -13.14
C LEU B 135 2.91 -12.80 -12.38
N LYS B 136 3.63 -11.74 -12.79
CA LYS B 136 4.90 -11.44 -12.13
C LYS B 136 4.71 -10.96 -10.69
N ASN B 137 3.47 -10.71 -10.29
CA ASN B 137 3.15 -10.35 -8.92
C ASN B 137 2.51 -11.50 -8.16
N GLY B 138 2.59 -12.69 -8.76
CA GLY B 138 2.18 -13.91 -8.07
C GLY B 138 0.71 -14.27 -8.13
N THR B 139 -0.09 -13.49 -8.87
CA THR B 139 -1.46 -13.90 -9.13
C THR B 139 -1.47 -15.02 -10.16
N THR B 140 -1.64 -16.25 -9.69
CA THR B 140 -1.65 -17.41 -10.58
C THR B 140 -3.04 -17.67 -11.16
N THR B 141 -4.06 -17.21 -10.44
CA THR B 141 -5.44 -17.34 -10.89
C THR B 141 -6.15 -16.01 -10.85
N ALA B 142 -6.80 -15.66 -11.97
CA ALA B 142 -7.49 -14.38 -12.09
C ALA B 142 -8.89 -14.56 -12.67
N CYS B 143 -9.87 -13.96 -12.01
CA CYS B 143 -11.23 -13.97 -12.52
C CYS B 143 -11.52 -12.60 -13.14
N TYR B 144 -11.35 -12.50 -14.46
CA TYR B 144 -11.36 -11.23 -15.16
C TYR B 144 -12.73 -10.75 -15.66
N PHE B 145 -12.99 -9.45 -15.49
CA PHE B 145 -13.98 -8.75 -16.33
C PHE B 145 -13.26 -8.28 -17.59
N ALA B 146 -13.87 -8.45 -18.74
CA ALA B 146 -13.29 -7.93 -19.97
C ALA B 146 -14.15 -6.75 -20.42
N THR B 147 -14.75 -6.85 -21.60
CA THR B 147 -15.63 -5.82 -22.13
C THR B 147 -16.83 -6.45 -22.81
N ILE B 148 -17.70 -5.63 -23.38
CA ILE B 148 -18.89 -6.13 -24.07
C ILE B 148 -18.51 -6.75 -25.42
N HIS B 149 -17.24 -6.62 -25.81
CA HIS B 149 -16.79 -7.11 -27.11
C HIS B 149 -16.41 -8.58 -27.05
N THR B 150 -17.13 -9.40 -27.82
CA THR B 150 -16.90 -10.82 -27.80
C THR B 150 -15.49 -11.19 -28.28
N ASP B 151 -15.11 -10.71 -29.46
CA ASP B 151 -13.84 -11.10 -30.06
C ASP B 151 -12.64 -10.62 -29.25
N SER B 152 -12.75 -9.44 -28.66
CA SER B 152 -11.64 -8.92 -27.86
C SER B 152 -11.48 -9.68 -26.56
N SER B 153 -12.61 -10.01 -25.95
CA SER B 153 -12.61 -10.81 -24.74
C SER B 153 -12.05 -12.22 -25.01
N LEU B 154 -12.35 -12.74 -26.19
CA LEU B 154 -11.78 -14.02 -26.63
C LEU B 154 -10.27 -13.91 -26.74
N LEU B 155 -9.78 -12.75 -27.18
CA LEU B 155 -8.34 -12.49 -27.22
C LEU B 155 -7.70 -12.58 -25.85
N LEU B 156 -8.37 -12.02 -24.84
CA LEU B 156 -7.88 -12.08 -23.47
C LEU B 156 -7.66 -13.54 -23.06
N ALA B 157 -8.67 -14.37 -23.29
CA ALA B 157 -8.59 -15.78 -22.95
C ALA B 157 -7.41 -16.43 -23.65
N ASP B 158 -7.23 -16.11 -24.93
CA ASP B 158 -6.12 -16.62 -25.69
C ASP B 158 -4.79 -16.17 -25.11
N ILE B 159 -4.76 -14.93 -24.59
CA ILE B 159 -3.56 -14.38 -23.99
C ILE B 159 -3.22 -15.02 -22.63
N THR B 160 -4.22 -15.26 -21.79
CA THR B 160 -3.98 -15.93 -20.51
C THR B 160 -3.47 -17.36 -20.67
N ASP B 161 -3.91 -18.03 -21.74
CA ASP B 161 -3.50 -19.40 -22.03
C ASP B 161 -2.08 -19.42 -22.57
N LYS B 162 -1.75 -18.43 -23.37
CA LYS B 162 -0.41 -18.30 -23.91
C LYS B 162 0.62 -18.08 -22.81
N PHE B 163 0.25 -17.31 -21.79
CA PHE B 163 1.17 -17.03 -20.68
C PHE B 163 1.07 -18.06 -19.56
N GLY B 164 0.04 -18.90 -19.63
CA GLY B 164 -0.12 -19.98 -18.67
C GLY B 164 -0.82 -19.60 -17.37
N GLN B 165 -1.55 -18.49 -17.38
CA GLN B 165 -2.29 -18.08 -16.20
C GLN B 165 -3.62 -18.82 -16.12
N ARG B 166 -3.98 -19.31 -14.94
CA ARG B 166 -5.29 -19.89 -14.74
C ARG B 166 -6.29 -18.76 -14.73
N ALA B 167 -7.46 -18.94 -15.35
CA ALA B 167 -8.38 -17.82 -15.43
C ALA B 167 -9.84 -18.15 -15.77
N PHE B 168 -10.71 -17.28 -15.28
CA PHE B 168 -12.03 -17.11 -15.82
C PHE B 168 -12.01 -15.80 -16.60
N VAL B 169 -12.62 -15.80 -17.78
CA VAL B 169 -12.72 -14.61 -18.61
C VAL B 169 -14.18 -14.37 -18.98
N GLY B 170 -14.66 -13.17 -18.71
CA GLY B 170 -16.07 -12.85 -18.87
C GLY B 170 -16.33 -11.65 -19.75
N LYS B 171 -16.96 -11.91 -20.90
CA LYS B 171 -17.46 -10.85 -21.77
C LYS B 171 -18.64 -10.19 -21.06
N VAL B 172 -18.60 -8.87 -20.95
CA VAL B 172 -19.58 -8.13 -20.18
C VAL B 172 -20.93 -7.98 -20.89
N CYS B 173 -22.00 -7.87 -20.11
CA CYS B 173 -23.33 -7.74 -20.67
C CYS B 173 -24.05 -6.55 -20.11
N MET B 174 -24.41 -5.60 -20.97
CA MET B 174 -25.24 -4.48 -20.54
C MET B 174 -26.12 -3.95 -21.65
N ASP B 175 -27.39 -3.78 -21.33
CA ASP B 175 -28.35 -3.18 -22.24
C ASP B 175 -28.89 -1.87 -21.69
N LEU B 176 -28.24 -1.36 -20.65
CA LEU B 176 -28.57 -0.07 -20.06
C LEU B 176 -27.28 0.72 -19.81
N ASN B 177 -27.29 2.00 -20.20
CA ASN B 177 -26.14 2.87 -19.96
C ASN B 177 -26.49 4.31 -20.35
N ASP B 178 -27.01 5.06 -19.38
CA ASP B 178 -27.50 6.41 -19.63
C ASP B 178 -26.37 7.41 -19.80
N THR B 179 -25.22 7.10 -19.22
CA THR B 179 -24.14 8.06 -19.13
C THR B 179 -23.25 8.03 -20.38
N PHE B 180 -23.13 6.86 -20.98
CA PHE B 180 -22.28 6.63 -22.16
C PHE B 180 -23.03 5.69 -23.13
N PRO B 181 -24.03 6.23 -23.85
CA PRO B 181 -24.99 5.41 -24.57
C PRO B 181 -24.36 4.51 -25.62
N GLU B 182 -23.18 4.89 -26.08
CA GLU B 182 -22.49 4.17 -27.14
C GLU B 182 -21.84 2.88 -26.64
N TYR B 183 -21.63 2.78 -25.33
CA TYR B 183 -21.08 1.56 -24.78
C TYR B 183 -22.18 0.69 -24.19
N LYS B 184 -22.79 -0.12 -25.04
CA LYS B 184 -23.83 -1.04 -24.61
C LYS B 184 -24.38 -1.84 -25.78
N GLU B 185 -25.17 -2.88 -25.47
CA GLU B 185 -25.73 -3.75 -26.49
C GLU B 185 -27.26 -3.66 -26.41
N THR B 186 -27.93 -4.08 -27.47
CA THR B 186 -29.36 -4.31 -27.37
C THR B 186 -29.52 -5.60 -26.58
N THR B 187 -30.66 -5.79 -25.93
CA THR B 187 -30.93 -7.01 -25.20
C THR B 187 -30.67 -8.26 -26.03
N GLU B 188 -31.09 -8.22 -27.30
CA GLU B 188 -30.99 -9.37 -28.19
C GLU B 188 -29.55 -9.62 -28.63
N GLU B 189 -28.83 -8.55 -28.92
CA GLU B 189 -27.41 -8.61 -29.28
C GLU B 189 -26.57 -9.19 -28.15
N SER B 190 -26.91 -8.81 -26.92
CA SER B 190 -26.17 -9.22 -25.75
C SER B 190 -26.32 -10.74 -25.48
N ILE B 191 -27.56 -11.20 -25.49
CA ILE B 191 -27.88 -12.64 -25.40
C ILE B 191 -27.16 -13.42 -26.49
N LYS B 192 -27.25 -12.97 -27.72
CA LYS B 192 -26.65 -13.71 -28.82
C LYS B 192 -25.12 -13.72 -28.72
N GLU B 193 -24.54 -12.56 -28.41
CA GLU B 193 -23.09 -12.45 -28.40
C GLU B 193 -22.46 -13.17 -27.21
N THR B 194 -23.21 -13.28 -26.13
CA THR B 194 -22.83 -14.10 -25.00
C THR B 194 -22.80 -15.60 -25.33
N GLU B 195 -23.82 -16.08 -26.04
CA GLU B 195 -23.81 -17.48 -26.46
C GLU B 195 -22.63 -17.71 -27.38
N ARG B 196 -22.36 -16.76 -28.26
CA ARG B 196 -21.24 -16.92 -29.17
C ARG B 196 -19.91 -16.92 -28.43
N PHE B 197 -19.79 -16.05 -27.44
CA PHE B 197 -18.54 -15.91 -26.70
C PHE B 197 -18.26 -17.21 -25.97
N VAL B 198 -19.27 -17.73 -25.28
CA VAL B 198 -19.11 -18.96 -24.52
C VAL B 198 -18.74 -20.14 -25.43
N SER B 199 -19.43 -20.25 -26.57
CA SER B 199 -19.20 -21.35 -27.49
C SER B 199 -17.82 -21.31 -28.10
N GLU B 200 -17.37 -20.12 -28.50
CA GLU B 200 -16.05 -20.01 -29.10
C GLU B 200 -14.92 -20.16 -28.08
N MET B 201 -15.17 -19.75 -26.84
CA MET B 201 -14.24 -20.04 -25.73
C MET B 201 -14.04 -21.56 -25.64
N LEU B 202 -15.11 -22.25 -25.26
CA LEU B 202 -15.11 -23.72 -25.14
C LEU B 202 -14.48 -24.41 -26.36
N GLN B 203 -14.82 -23.95 -27.57
CA GLN B 203 -14.24 -24.53 -28.79
C GLN B 203 -12.71 -24.54 -28.81
N LYS B 204 -12.11 -23.72 -27.96
CA LYS B 204 -10.66 -23.58 -27.95
C LYS B 204 -9.94 -24.73 -27.23
N ASN B 205 -10.64 -25.43 -26.34
CA ASN B 205 -10.04 -26.55 -25.63
C ASN B 205 -8.85 -26.12 -24.75
N TYR B 206 -9.01 -24.97 -24.10
CA TYR B 206 -8.00 -24.41 -23.19
C TYR B 206 -7.97 -25.27 -21.94
N SER B 207 -6.77 -25.49 -21.40
CA SER B 207 -6.61 -26.34 -20.22
C SER B 207 -7.07 -25.67 -18.94
N ARG B 208 -6.87 -24.37 -18.82
CA ARG B 208 -7.09 -23.71 -17.53
C ARG B 208 -7.69 -22.30 -17.60
N VAL B 209 -8.31 -22.01 -18.74
CA VAL B 209 -9.11 -20.82 -18.91
C VAL B 209 -10.57 -21.22 -19.23
N LYS B 210 -11.52 -20.64 -18.50
CA LYS B 210 -12.92 -20.97 -18.66
C LYS B 210 -13.74 -19.69 -18.82
N PRO B 211 -14.85 -19.75 -19.56
CA PRO B 211 -15.70 -18.58 -19.70
C PRO B 211 -16.58 -18.41 -18.46
N ILE B 212 -17.12 -17.23 -18.27
CA ILE B 212 -17.97 -16.98 -17.11
C ILE B 212 -19.05 -15.98 -17.47
N VAL B 213 -20.30 -16.25 -17.09
CA VAL B 213 -21.40 -15.33 -17.40
C VAL B 213 -21.28 -14.08 -16.53
N THR B 214 -21.27 -12.92 -17.17
CA THR B 214 -20.82 -11.67 -16.56
C THR B 214 -21.81 -10.54 -16.82
N PRO B 215 -22.93 -10.50 -16.07
CA PRO B 215 -23.78 -9.31 -16.21
C PRO B 215 -23.08 -8.08 -15.70
N GLY B 216 -22.94 -7.07 -16.56
CA GLY B 216 -22.30 -5.83 -16.17
C GLY B 216 -23.20 -4.90 -15.38
N ASN B 217 -22.71 -3.67 -15.20
CA ASN B 217 -23.46 -2.65 -14.49
CA ASN B 217 -23.44 -2.64 -14.50
C ASN B 217 -24.41 -1.95 -15.45
N GLY B 218 -25.67 -2.36 -15.42
CA GLY B 218 -26.69 -1.82 -16.32
C GLY B 218 -27.36 -2.91 -17.13
N VAL B 219 -28.13 -3.75 -16.45
CA VAL B 219 -28.72 -4.95 -17.05
C VAL B 219 -30.23 -4.98 -16.81
N SER B 220 -31.03 -4.96 -17.87
CA SER B 220 -32.49 -5.01 -17.72
C SER B 220 -32.95 -6.36 -17.20
N GLU B 221 -34.16 -6.39 -16.66
CA GLU B 221 -34.73 -7.61 -16.09
C GLU B 221 -34.87 -8.75 -17.10
N THR B 222 -35.18 -8.41 -18.35
CA THR B 222 -35.28 -9.44 -19.37
C THR B 222 -33.91 -10.05 -19.64
N LEU B 223 -32.88 -9.22 -19.68
CA LEU B 223 -31.53 -9.69 -19.95
C LEU B 223 -31.02 -10.49 -18.75
N MET B 224 -31.40 -10.04 -17.56
CA MET B 224 -31.02 -10.74 -16.35
C MET B 224 -31.52 -12.19 -16.43
N GLY B 225 -32.82 -12.36 -16.64
CA GLY B 225 -33.42 -13.70 -16.77
C GLY B 225 -32.80 -14.53 -17.89
N GLU B 226 -32.45 -13.89 -19.00
CA GLU B 226 -31.83 -14.59 -20.12
C GLU B 226 -30.39 -15.03 -19.87
N LEU B 227 -29.66 -14.25 -19.07
CA LEU B 227 -28.28 -14.61 -18.74
C LEU B 227 -28.32 -15.74 -17.72
N GLY B 228 -29.28 -15.64 -16.80
CA GLY B 228 -29.59 -16.72 -15.88
C GLY B 228 -29.81 -18.03 -16.64
N ASN B 229 -30.65 -17.99 -17.66
CA ASN B 229 -30.92 -19.18 -18.45
C ASN B 229 -29.66 -19.76 -19.08
N ILE B 230 -28.84 -18.90 -19.67
CA ILE B 230 -27.60 -19.35 -20.32
C ILE B 230 -26.71 -20.10 -19.31
N ALA B 231 -26.53 -19.52 -18.14
CA ALA B 231 -25.67 -20.06 -17.11
C ALA B 231 -26.20 -21.40 -16.63
N LYS B 232 -27.53 -21.50 -16.56
CA LYS B 232 -28.19 -22.72 -16.09
C LYS B 232 -28.09 -23.87 -17.09
N THR B 233 -28.41 -23.61 -18.35
CA THR B 233 -28.46 -24.68 -19.33
C THR B 233 -27.06 -25.14 -19.74
N ARG B 234 -26.07 -24.26 -19.57
CA ARG B 234 -24.69 -24.60 -19.92
C ARG B 234 -23.85 -24.91 -18.67
N ASP B 235 -24.47 -24.82 -17.49
CA ASP B 235 -23.75 -24.97 -16.22
C ASP B 235 -22.48 -24.10 -16.16
N LEU B 236 -22.65 -22.80 -16.18
CA LEU B 236 -21.52 -21.88 -16.22
C LEU B 236 -21.34 -21.13 -14.91
N HIS B 237 -20.10 -20.73 -14.65
CA HIS B 237 -19.80 -19.81 -13.56
C HIS B 237 -20.43 -18.46 -13.84
N ILE B 238 -20.63 -17.68 -12.78
CA ILE B 238 -21.25 -16.36 -12.93
C ILE B 238 -20.47 -15.35 -12.11
N GLN B 239 -20.22 -14.18 -12.70
CA GLN B 239 -19.61 -13.09 -11.93
C GLN B 239 -20.39 -11.81 -12.08
N SER B 240 -20.51 -11.06 -11.00
CA SER B 240 -21.15 -9.75 -11.05
C SER B 240 -20.79 -8.88 -9.85
N HIS B 241 -21.33 -7.66 -9.82
CA HIS B 241 -21.15 -6.71 -8.73
C HIS B 241 -22.41 -6.72 -7.87
N ILE B 242 -22.27 -6.61 -6.56
CA ILE B 242 -23.45 -6.50 -5.71
C ILE B 242 -23.27 -5.56 -4.51
N SER B 243 -24.27 -4.73 -4.30
CA SER B 243 -24.34 -3.83 -3.14
C SER B 243 -23.02 -3.14 -2.81
N GLU B 244 -22.34 -2.66 -3.84
CA GLU B 244 -21.05 -1.97 -3.72
C GLU B 244 -21.14 -0.62 -3.00
N ASN B 245 -22.18 0.14 -3.32
CA ASN B 245 -22.35 1.46 -2.73
C ASN B 245 -23.82 1.81 -2.57
N ARG B 246 -24.07 2.83 -1.75
CA ARG B 246 -25.43 3.21 -1.38
C ARG B 246 -26.27 3.69 -2.56
N ASP B 247 -25.64 4.42 -3.48
CA ASP B 247 -26.33 4.91 -4.67
C ASP B 247 -26.77 3.74 -5.59
N GLU B 248 -25.88 2.76 -5.75
CA GLU B 248 -26.15 1.60 -6.59
C GLU B 248 -27.26 0.74 -5.98
N VAL B 249 -27.32 0.73 -4.64
CA VAL B 249 -28.38 0.04 -3.92
C VAL B 249 -29.72 0.72 -4.17
N GLU B 250 -29.74 2.06 -4.13
CA GLU B 250 -30.96 2.80 -4.41
C GLU B 250 -31.38 2.69 -5.88
N ALA B 251 -30.40 2.70 -6.77
CA ALA B 251 -30.68 2.56 -8.20
C ALA B 251 -31.40 1.24 -8.54
N VAL B 252 -30.98 0.16 -7.88
CA VAL B 252 -31.56 -1.17 -8.14
C VAL B 252 -32.95 -1.34 -7.49
N LYS B 253 -33.20 -0.65 -6.38
CA LYS B 253 -34.52 -0.64 -5.76
C LYS B 253 -35.53 0.05 -6.69
N ASN B 254 -35.10 1.10 -7.38
CA ASN B 254 -35.94 1.81 -8.34
C ASN B 254 -36.19 1.04 -9.63
N LEU B 255 -35.14 0.47 -10.19
CA LEU B 255 -35.24 -0.22 -11.48
C LEU B 255 -35.93 -1.57 -11.34
N TYR B 256 -35.86 -2.15 -10.15
CA TYR B 256 -36.48 -3.45 -9.87
C TYR B 256 -37.37 -3.40 -8.64
N PRO B 257 -38.40 -2.53 -8.66
CA PRO B 257 -39.17 -2.23 -7.44
C PRO B 257 -39.90 -3.45 -6.90
N SER B 258 -40.25 -4.36 -7.81
CA SER B 258 -40.94 -5.59 -7.45
C SER B 258 -40.08 -6.60 -6.66
N TYR B 259 -38.78 -6.33 -6.52
CA TYR B 259 -37.89 -7.23 -5.79
C TYR B 259 -37.54 -6.71 -4.39
N LYS B 260 -37.46 -7.60 -3.41
CA LYS B 260 -37.18 -7.21 -2.02
C LYS B 260 -35.77 -6.68 -1.77
N ASN B 261 -34.80 -7.20 -2.51
CA ASN B 261 -33.43 -6.66 -2.45
C ASN B 261 -32.55 -7.05 -3.63
N TYR B 262 -31.39 -6.41 -3.68
CA TYR B 262 -30.37 -6.62 -4.71
C TYR B 262 -30.08 -8.11 -4.88
N THR B 263 -29.97 -8.82 -3.76
CA THR B 263 -29.69 -10.26 -3.79
C THR B 263 -30.82 -11.05 -4.46
N SER B 264 -32.05 -10.62 -4.21
CA SER B 264 -33.24 -11.26 -4.76
C SER B 264 -33.35 -11.05 -6.28
N VAL B 265 -32.92 -9.89 -6.75
CA VAL B 265 -32.90 -9.63 -8.18
C VAL B 265 -32.10 -10.68 -8.93
N TYR B 266 -30.94 -11.06 -8.38
CA TYR B 266 -30.08 -12.09 -8.97
C TYR B 266 -30.59 -13.50 -8.76
N ASP B 267 -30.91 -13.80 -7.50
CA ASP B 267 -31.39 -15.13 -7.08
C ASP B 267 -32.65 -15.57 -7.84
N LYS B 268 -33.66 -14.70 -7.92
CA LYS B 268 -34.89 -15.03 -8.66
C LYS B 268 -34.68 -15.11 -10.19
N ASN B 269 -33.52 -14.67 -10.65
CA ASN B 269 -33.24 -14.67 -12.09
C ASN B 269 -32.15 -15.67 -12.49
N ASN B 270 -31.96 -16.66 -11.62
CA ASN B 270 -31.05 -17.77 -11.87
C ASN B 270 -29.58 -17.39 -11.86
N LEU B 271 -29.26 -16.25 -11.26
CA LEU B 271 -27.91 -15.74 -11.29
C LEU B 271 -27.20 -15.86 -9.94
N LEU B 272 -27.87 -16.40 -8.94
CA LEU B 272 -27.24 -16.63 -7.66
C LEU B 272 -27.14 -18.13 -7.39
N THR B 273 -26.01 -18.72 -7.80
CA THR B 273 -25.84 -20.17 -7.78
C THR B 273 -24.57 -20.58 -7.04
N ASN B 274 -24.33 -21.89 -6.95
CA ASN B 274 -23.13 -22.37 -6.29
C ASN B 274 -21.86 -22.22 -7.14
N LYS B 275 -22.01 -21.64 -8.33
CA LYS B 275 -20.85 -21.27 -9.16
C LYS B 275 -20.86 -19.77 -9.37
N THR B 276 -21.49 -19.03 -8.46
CA THR B 276 -21.58 -17.58 -8.60
C THR B 276 -20.58 -16.88 -7.67
N VAL B 277 -19.89 -15.88 -8.22
CA VAL B 277 -19.09 -14.98 -7.40
C VAL B 277 -19.59 -13.55 -7.62
N MET B 278 -19.68 -12.81 -6.52
CA MET B 278 -20.23 -11.48 -6.51
C MET B 278 -19.26 -10.53 -5.83
N ALA B 279 -18.88 -9.47 -6.52
CA ALA B 279 -17.86 -8.55 -6.00
C ALA B 279 -18.43 -7.57 -4.99
N HIS B 280 -17.59 -7.15 -4.05
CA HIS B 280 -17.94 -6.10 -3.09
C HIS B 280 -18.82 -6.58 -1.92
N GLY B 281 -20.14 -6.49 -2.07
CA GLY B 281 -21.05 -6.90 -1.00
C GLY B 281 -21.15 -5.96 0.20
N CYS B 282 -20.60 -4.75 0.06
CA CYS B 282 -20.49 -3.82 1.20
C CYS B 282 -21.80 -3.64 1.96
N TYR B 283 -22.92 -3.54 1.23
CA TYR B 283 -24.21 -3.29 1.85
C TYR B 283 -25.20 -4.48 1.84
N LEU B 284 -24.69 -5.69 1.70
CA LEU B 284 -25.51 -6.88 1.92
C LEU B 284 -25.98 -6.92 3.37
N SER B 285 -27.20 -7.38 3.60
CA SER B 285 -27.69 -7.61 4.96
C SER B 285 -27.37 -9.02 5.45
N ALA B 286 -27.57 -9.24 6.75
CA ALA B 286 -27.42 -10.56 7.35
C ALA B 286 -28.30 -11.60 6.64
N GLU B 287 -29.53 -11.22 6.33
CA GLU B 287 -30.47 -12.14 5.71
C GLU B 287 -30.01 -12.48 4.31
N GLU B 288 -29.51 -11.48 3.59
CA GLU B 288 -28.92 -11.69 2.27
C GLU B 288 -27.70 -12.62 2.33
N LEU B 289 -26.92 -12.54 3.40
CA LEU B 289 -25.77 -13.43 3.58
C LEU B 289 -26.21 -14.87 3.79
N ASN B 290 -27.32 -15.06 4.51
CA ASN B 290 -27.92 -16.38 4.64
C ASN B 290 -28.30 -16.97 3.28
N VAL B 291 -28.85 -16.12 2.41
CA VAL B 291 -29.21 -16.55 1.06
C VAL B 291 -27.95 -16.99 0.29
N PHE B 292 -26.88 -16.18 0.36
CA PHE B 292 -25.62 -16.52 -0.25
C PHE B 292 -25.16 -17.91 0.22
N HIS B 293 -25.25 -18.13 1.52
CA HIS B 293 -24.82 -19.41 2.08
C HIS B 293 -25.61 -20.57 1.48
N GLU B 294 -26.94 -20.48 1.55
CA GLU B 294 -27.86 -21.50 1.03
C GLU B 294 -27.57 -21.87 -0.44
N ARG B 295 -27.42 -20.86 -1.29
CA ARG B 295 -27.16 -21.08 -2.71
C ARG B 295 -25.72 -21.49 -2.96
N GLY B 296 -24.84 -21.15 -2.05
CA GLY B 296 -23.44 -21.48 -2.21
C GLY B 296 -22.72 -20.46 -3.09
N ALA B 297 -23.29 -19.27 -3.18
CA ALA B 297 -22.65 -18.15 -3.87
C ALA B 297 -21.53 -17.53 -3.02
N SER B 298 -20.52 -16.99 -3.70
CA SER B 298 -19.33 -16.44 -3.05
C SER B 298 -19.29 -14.92 -3.08
N ILE B 299 -18.42 -14.35 -2.26
CA ILE B 299 -18.13 -12.92 -2.33
C ILE B 299 -16.65 -12.66 -2.66
N ALA B 300 -16.43 -11.67 -3.51
CA ALA B 300 -15.08 -11.19 -3.77
C ALA B 300 -14.87 -9.88 -3.03
N HIS B 301 -14.05 -9.93 -1.99
CA HIS B 301 -13.74 -8.75 -1.18
C HIS B 301 -12.72 -7.89 -1.92
N CYS B 302 -13.09 -6.64 -2.17
CA CYS B 302 -12.24 -5.70 -2.92
C CYS B 302 -11.95 -4.44 -2.10
N PRO B 303 -11.12 -4.57 -1.04
CA PRO B 303 -10.83 -3.52 -0.07
C PRO B 303 -10.28 -2.20 -0.62
N ASN B 304 -9.28 -2.26 -1.49
CA ASN B 304 -8.72 -1.07 -2.11
C ASN B 304 -9.79 -0.25 -2.83
N SER B 305 -10.58 -0.92 -3.67
CA SER B 305 -11.62 -0.27 -4.45
C SER B 305 -12.67 0.34 -3.51
N ASN B 306 -13.11 -0.42 -2.52
CA ASN B 306 -14.14 0.05 -1.60
C ASN B 306 -13.70 1.35 -0.89
N LEU B 307 -12.41 1.44 -0.59
CA LEU B 307 -11.84 2.64 0.05
C LEU B 307 -11.47 3.75 -0.92
N SER B 308 -10.93 3.37 -2.06
CA SER B 308 -10.47 4.34 -3.05
C SER B 308 -11.64 5.13 -3.65
N LEU B 309 -12.77 4.46 -3.83
CA LEU B 309 -13.94 5.11 -4.42
C LEU B 309 -14.97 5.49 -3.36
N SER B 310 -14.59 5.41 -2.09
CA SER B 310 -15.49 5.74 -0.98
C SER B 310 -16.84 5.04 -1.09
N SER B 311 -16.81 3.72 -1.33
CA SER B 311 -18.03 2.93 -1.46
C SER B 311 -18.57 2.50 -0.10
N GLY B 312 -17.73 1.89 0.72
CA GLY B 312 -18.18 1.35 1.99
C GLY B 312 -17.21 0.32 2.54
N PHE B 313 -17.70 -0.50 3.46
CA PHE B 313 -16.88 -1.48 4.16
C PHE B 313 -17.54 -2.83 4.12
N LEU B 314 -16.89 -3.82 3.51
CA LEU B 314 -17.35 -5.18 3.69
C LEU B 314 -16.93 -5.67 5.08
N ASN B 315 -17.88 -6.19 5.84
CA ASN B 315 -17.60 -6.75 7.14
C ASN B 315 -17.27 -8.25 6.98
N VAL B 316 -16.00 -8.54 6.77
CA VAL B 316 -15.55 -9.89 6.45
C VAL B 316 -15.81 -10.90 7.57
N LEU B 317 -15.69 -10.46 8.81
CA LEU B 317 -16.05 -11.26 9.97
C LEU B 317 -17.52 -11.75 9.98
N GLU B 318 -18.45 -10.87 9.61
CA GLU B 318 -19.85 -11.27 9.52
C GLU B 318 -20.07 -12.28 8.40
N VAL B 319 -19.43 -12.05 7.26
CA VAL B 319 -19.49 -12.99 6.16
C VAL B 319 -18.99 -14.36 6.62
N LEU B 320 -17.88 -14.36 7.35
CA LEU B 320 -17.28 -15.60 7.83
C LEU B 320 -18.21 -16.29 8.81
N LYS B 321 -18.81 -15.50 9.70
CA LYS B 321 -19.78 -16.00 10.67
C LYS B 321 -20.95 -16.69 9.96
N HIS B 322 -21.39 -16.11 8.84
CA HIS B 322 -22.49 -16.66 8.07
C HIS B 322 -22.10 -17.83 7.17
N GLU B 323 -20.81 -18.15 7.17
CA GLU B 323 -20.32 -19.31 6.42
C GLU B 323 -20.46 -19.11 4.91
N VAL B 324 -20.29 -17.85 4.50
CA VAL B 324 -20.32 -17.52 3.09
C VAL B 324 -18.91 -17.64 2.54
N LYS B 325 -18.78 -18.24 1.35
CA LYS B 325 -17.49 -18.35 0.68
C LYS B 325 -17.01 -16.94 0.28
N ILE B 326 -15.71 -16.70 0.42
CA ILE B 326 -15.18 -15.36 0.24
C ILE B 326 -13.71 -15.33 -0.19
N GLY B 327 -13.42 -14.52 -1.20
CA GLY B 327 -12.07 -14.31 -1.65
C GLY B 327 -11.70 -12.85 -1.64
N LEU B 328 -10.45 -12.56 -1.98
CA LEU B 328 -10.03 -11.19 -2.19
C LEU B 328 -9.95 -10.92 -3.67
N GLY B 329 -10.22 -9.66 -4.03
CA GLY B 329 -10.05 -9.22 -5.40
C GLY B 329 -9.31 -7.90 -5.47
N THR B 330 -8.97 -7.48 -6.66
CA THR B 330 -8.17 -6.30 -6.86
C THR B 330 -9.07 -5.15 -7.38
N ASP B 331 -10.03 -5.50 -8.24
CA ASP B 331 -10.96 -4.56 -8.87
C ASP B 331 -10.29 -3.42 -9.64
N VAL B 332 -9.11 -3.68 -10.22
CA VAL B 332 -8.56 -2.77 -11.22
C VAL B 332 -9.73 -2.39 -12.10
N ALA B 333 -10.00 -1.10 -12.30
CA ALA B 333 -9.17 0.01 -11.82
C ALA B 333 -9.78 0.75 -10.64
N GLY B 334 -11.01 0.38 -10.25
CA GLY B 334 -11.62 0.97 -9.05
C GLY B 334 -10.63 0.89 -7.89
N GLY B 335 -9.98 -0.26 -7.75
CA GLY B 335 -8.82 -0.37 -6.87
C GLY B 335 -7.65 -0.18 -7.81
N TYR B 336 -6.70 0.67 -7.44
CA TYR B 336 -5.68 1.09 -8.38
C TYR B 336 -4.54 0.08 -8.55
N SER B 337 -4.35 -0.78 -7.55
CA SER B 337 -3.23 -1.72 -7.54
C SER B 337 -3.58 -3.07 -8.15
N TYR B 338 -2.63 -3.63 -8.90
CA TYR B 338 -2.80 -4.89 -9.58
C TYR B 338 -2.35 -6.05 -8.68
N SER B 339 -1.85 -5.70 -7.50
CA SER B 339 -1.19 -6.68 -6.64
C SER B 339 -2.09 -7.21 -5.53
N MET B 340 -2.13 -8.54 -5.43
CA MET B 340 -2.92 -9.20 -4.39
C MET B 340 -2.30 -9.03 -3.00
N LEU B 341 -1.00 -8.72 -2.98
CA LEU B 341 -0.32 -8.30 -1.78
C LEU B 341 -0.97 -7.02 -1.23
N ASP B 342 -1.17 -6.03 -2.10
CA ASP B 342 -1.92 -4.81 -1.73
C ASP B 342 -3.30 -5.17 -1.20
N ALA B 343 -3.98 -6.09 -1.86
CA ALA B 343 -5.30 -6.52 -1.40
C ALA B 343 -5.24 -7.13 -0.01
N ILE B 344 -4.25 -7.98 0.23
CA ILE B 344 -4.04 -8.53 1.57
C ILE B 344 -3.89 -7.41 2.61
N ARG B 345 -3.02 -6.45 2.30
CA ARG B 345 -2.76 -5.33 3.19
C ARG B 345 -4.00 -4.49 3.44
N ARG B 346 -4.80 -4.27 2.39
CA ARG B 346 -5.98 -3.43 2.52
C ARG B 346 -7.13 -4.15 3.22
N ALA B 347 -7.24 -5.47 3.03
CA ALA B 347 -8.25 -6.26 3.73
C ALA B 347 -7.97 -6.22 5.22
N VAL B 348 -6.70 -6.40 5.58
CA VAL B 348 -6.29 -6.29 6.98
C VAL B 348 -6.76 -4.95 7.53
N MET B 349 -6.48 -3.87 6.80
CA MET B 349 -6.84 -2.54 7.27
C MET B 349 -8.34 -2.27 7.34
N VAL B 350 -9.09 -2.77 6.36
CA VAL B 350 -10.54 -2.62 6.41
C VAL B 350 -11.11 -3.28 7.68
N SER B 351 -10.56 -4.43 8.06
CA SER B 351 -11.02 -5.12 9.27
C SER B 351 -10.63 -4.35 10.52
N ASN B 352 -9.46 -3.70 10.49
CA ASN B 352 -9.07 -2.79 11.55
C ASN B 352 -10.05 -1.62 11.68
N ILE B 353 -10.48 -1.09 10.54
CA ILE B 353 -11.43 0.04 10.56
C ILE B 353 -12.72 -0.29 11.32
N LEU B 354 -13.24 -1.50 11.12
CA LEU B 354 -14.48 -1.89 11.79
C LEU B 354 -14.29 -2.14 13.29
N LEU B 355 -13.05 -2.43 13.71
CA LEU B 355 -12.75 -2.58 15.14
C LEU B 355 -12.73 -1.21 15.83
N ILE B 356 -12.02 -0.27 15.23
CA ILE B 356 -11.94 1.11 15.72
C ILE B 356 -13.34 1.70 15.87
N ASN B 357 -14.20 1.45 14.89
CA ASN B 357 -15.58 1.93 14.89
C ASN B 357 -16.51 1.16 15.83
N LYS B 358 -15.96 0.15 16.51
CA LYS B 358 -16.73 -0.67 17.46
C LYS B 358 -17.83 -1.52 16.79
N VAL B 359 -17.80 -1.57 15.46
CA VAL B 359 -18.68 -2.45 14.73
C VAL B 359 -18.41 -3.91 15.09
N ASN B 360 -17.13 -4.27 15.15
CA ASN B 360 -16.74 -5.63 15.54
C ASN B 360 -15.92 -5.60 16.80
N GLU B 361 -15.69 -6.78 17.37
CA GLU B 361 -14.99 -6.89 18.64
C GLU B 361 -13.53 -7.20 18.41
N LYS B 362 -13.23 -7.78 17.26
CA LYS B 362 -11.86 -8.02 16.86
C LYS B 362 -11.66 -7.75 15.37
N SER B 363 -10.42 -7.88 14.90
CA SER B 363 -10.11 -7.70 13.50
C SER B 363 -9.50 -8.99 12.96
N LEU B 364 -9.19 -9.02 11.66
CA LEU B 364 -8.61 -10.19 11.03
C LEU B 364 -7.09 -10.18 11.14
N THR B 365 -6.51 -11.33 11.43
CA THR B 365 -5.05 -11.42 11.43
C THR B 365 -4.49 -11.48 9.99
N LEU B 366 -3.27 -11.01 9.82
CA LEU B 366 -2.59 -11.14 8.54
C LEU B 366 -2.67 -12.58 8.01
N LYS B 367 -2.51 -13.55 8.91
CA LYS B 367 -2.54 -14.96 8.53
C LYS B 367 -3.92 -15.36 7.99
N GLU B 368 -4.97 -14.90 8.65
CA GLU B 368 -6.32 -15.14 8.19
C GLU B 368 -6.55 -14.57 6.80
N VAL B 369 -5.97 -13.39 6.54
CA VAL B 369 -6.12 -12.77 5.22
C VAL B 369 -5.24 -13.45 4.19
N PHE B 370 -4.09 -13.97 4.62
CA PHE B 370 -3.26 -14.79 3.76
C PHE B 370 -4.08 -15.99 3.25
N ARG B 371 -4.85 -16.60 4.15
CA ARG B 371 -5.71 -17.72 3.76
C ARG B 371 -6.80 -17.31 2.75
N LEU B 372 -7.45 -16.17 2.99
CA LEU B 372 -8.46 -15.66 2.05
C LEU B 372 -7.85 -15.39 0.66
N ALA B 373 -6.61 -14.92 0.63
CA ALA B 373 -5.96 -14.55 -0.63
C ALA B 373 -5.57 -15.78 -1.47
N THR B 374 -5.61 -16.96 -0.86
CA THR B 374 -5.15 -18.18 -1.50
C THR B 374 -6.23 -19.28 -1.50
N LEU B 375 -6.33 -20.01 -0.39
CA LEU B 375 -7.34 -21.05 -0.23
C LEU B 375 -8.77 -20.49 -0.31
N GLY B 376 -8.98 -19.34 0.32
CA GLY B 376 -10.29 -18.71 0.34
C GLY B 376 -10.73 -18.31 -1.05
N GLY B 377 -9.84 -17.66 -1.79
CA GLY B 377 -10.16 -17.26 -3.14
C GLY B 377 -10.48 -18.43 -4.07
N SER B 378 -9.72 -19.52 -3.93
CA SER B 378 -9.92 -20.68 -4.78
C SER B 378 -11.26 -21.35 -4.49
N GLN B 379 -11.66 -21.38 -3.23
CA GLN B 379 -12.98 -21.84 -2.86
C GLN B 379 -14.07 -20.97 -3.51
N ALA B 380 -13.90 -19.65 -3.42
CA ALA B 380 -14.86 -18.71 -4.01
C ALA B 380 -15.06 -18.94 -5.51
N LEU B 381 -14.03 -19.49 -6.13
CA LEU B 381 -14.05 -19.76 -7.57
C LEU B 381 -14.41 -21.23 -7.84
N GLY B 382 -14.70 -21.97 -6.79
CA GLY B 382 -15.02 -23.39 -6.92
C GLY B 382 -13.81 -24.20 -7.36
N LEU B 383 -12.61 -23.74 -7.02
CA LEU B 383 -11.39 -24.41 -7.46
C LEU B 383 -10.60 -25.07 -6.33
N ASP B 384 -11.12 -25.01 -5.12
CA ASP B 384 -10.35 -25.47 -3.96
C ASP B 384 -10.15 -26.99 -3.93
N GLY B 385 -10.69 -27.68 -4.92
CA GLY B 385 -10.35 -29.09 -5.10
C GLY B 385 -9.05 -29.25 -5.88
N GLU B 386 -8.65 -28.21 -6.62
CA GLU B 386 -7.48 -28.29 -7.52
C GLU B 386 -6.27 -27.48 -7.07
N ILE B 387 -6.52 -26.32 -6.44
CA ILE B 387 -5.48 -25.38 -6.05
C ILE B 387 -5.75 -24.80 -4.67
N GLY B 388 -4.92 -23.85 -4.25
CA GLY B 388 -5.22 -23.05 -3.07
C GLY B 388 -4.31 -23.23 -1.89
N ASN B 389 -3.75 -24.43 -1.77
CA ASN B 389 -2.72 -24.73 -0.77
C ASN B 389 -1.91 -25.92 -1.25
N PHE B 390 -1.08 -26.49 -0.38
CA PHE B 390 -0.16 -27.54 -0.82
C PHE B 390 -0.58 -28.98 -0.49
N GLU B 391 -1.86 -29.30 -0.58
CA GLU B 391 -2.28 -30.67 -0.36
C GLU B 391 -1.92 -31.60 -1.53
N VAL B 392 -1.85 -32.88 -1.23
CA VAL B 392 -1.49 -33.89 -2.22
C VAL B 392 -2.60 -34.04 -3.27
N GLY B 393 -2.20 -34.12 -4.53
CA GLY B 393 -3.16 -34.27 -5.60
C GLY B 393 -3.52 -32.95 -6.28
N LYS B 394 -3.40 -31.84 -5.55
CA LYS B 394 -3.67 -30.53 -6.11
C LYS B 394 -2.60 -30.17 -7.11
N GLU B 395 -2.93 -29.24 -7.99
CA GLU B 395 -2.01 -28.72 -8.99
C GLU B 395 -0.97 -27.83 -8.32
N PHE B 396 0.24 -27.77 -8.90
CA PHE B 396 1.30 -26.96 -8.31
C PHE B 396 1.23 -25.51 -8.76
N ASP B 397 0.34 -24.75 -8.13
CA ASP B 397 0.26 -23.31 -8.38
C ASP B 397 1.00 -22.62 -7.23
N ALA B 398 2.22 -22.15 -7.51
CA ALA B 398 3.07 -21.72 -6.41
C ALA B 398 4.00 -20.60 -6.82
N ILE B 399 4.42 -19.83 -5.83
CA ILE B 399 5.35 -18.72 -6.05
C ILE B 399 6.55 -18.83 -5.09
N LEU B 400 7.76 -18.71 -5.63
CA LEU B 400 8.97 -18.86 -4.83
C LEU B 400 9.42 -17.50 -4.35
N ILE B 401 9.38 -17.31 -3.03
CA ILE B 401 9.70 -16.02 -2.46
C ILE B 401 11.16 -15.97 -2.00
N ASN B 402 11.88 -14.96 -2.46
CA ASN B 402 13.18 -14.66 -1.88
C ASN B 402 13.16 -13.28 -1.23
N PRO B 403 13.03 -13.25 0.12
CA PRO B 403 13.07 -11.99 0.86
C PRO B 403 14.38 -11.23 0.66
N LYS B 404 15.41 -11.93 0.21
CA LYS B 404 16.76 -11.38 0.13
C LYS B 404 17.21 -11.30 -1.33
N ALA B 405 16.27 -11.08 -2.23
CA ALA B 405 16.59 -10.98 -3.65
C ALA B 405 17.29 -9.67 -3.99
N SER B 406 17.96 -9.64 -5.14
CA SER B 406 18.52 -8.41 -5.68
C SER B 406 17.58 -7.21 -5.55
N ASP B 407 18.09 -6.13 -4.95
CA ASP B 407 17.33 -4.89 -4.84
C ASP B 407 16.03 -5.08 -4.07
N SER B 408 16.01 -6.01 -3.12
CA SER B 408 14.83 -6.26 -2.29
C SER B 408 14.38 -5.02 -1.52
N PRO B 409 13.05 -4.78 -1.47
CA PRO B 409 12.52 -3.68 -0.69
C PRO B 409 12.52 -4.00 0.80
N ILE B 410 13.03 -5.18 1.14
CA ILE B 410 13.04 -5.67 2.52
C ILE B 410 14.46 -5.65 3.12
N ASP B 411 14.55 -5.18 4.36
CA ASP B 411 15.80 -5.24 5.11
C ASP B 411 15.66 -6.26 6.21
N LEU B 412 16.59 -7.19 6.21
CA LEU B 412 16.56 -8.33 7.10
C LEU B 412 17.67 -8.25 8.14
N PHE B 413 17.33 -8.61 9.37
CA PHE B 413 18.28 -8.54 10.48
C PHE B 413 18.28 -9.84 11.26
N TYR B 414 19.27 -10.00 12.12
CA TYR B 414 19.39 -11.17 12.97
C TYR B 414 18.06 -11.47 13.66
N GLY B 415 17.55 -12.69 13.47
CA GLY B 415 16.28 -13.10 14.06
C GLY B 415 15.16 -13.26 13.05
N ASP B 416 15.41 -12.80 11.82
CA ASP B 416 14.42 -12.90 10.75
C ASP B 416 14.35 -14.31 10.17
N PHE B 417 15.46 -15.04 10.17
CA PHE B 417 15.49 -16.32 9.48
C PHE B 417 15.44 -17.57 10.35
N PHE B 418 15.35 -17.41 11.66
CA PHE B 418 15.27 -18.59 12.51
C PHE B 418 14.19 -18.42 13.57
N GLY B 419 13.78 -19.53 14.18
CA GLY B 419 12.70 -19.52 15.14
C GLY B 419 11.38 -19.38 14.40
N ASP B 420 10.42 -18.69 15.01
CA ASP B 420 9.08 -18.55 14.45
C ASP B 420 9.08 -17.61 13.24
N ILE B 421 9.52 -18.09 12.07
CA ILE B 421 9.61 -17.20 10.90
C ILE B 421 8.25 -16.70 10.45
N SER B 422 7.17 -17.36 10.88
CA SER B 422 5.80 -16.98 10.52
C SER B 422 5.44 -15.63 11.14
N GLU B 423 6.29 -15.17 12.04
CA GLU B 423 6.09 -13.87 12.68
C GLU B 423 7.14 -12.84 12.29
N ALA B 424 8.16 -13.27 11.55
CA ALA B 424 9.27 -12.40 11.13
C ALA B 424 9.35 -12.25 9.59
N VAL B 425 10.36 -12.84 8.93
CA VAL B 425 10.47 -12.68 7.45
C VAL B 425 9.19 -12.88 6.65
N ILE B 426 8.34 -13.82 7.07
CA ILE B 426 7.19 -14.15 6.24
C ILE B 426 6.23 -12.96 6.20
N GLN B 427 5.99 -12.37 7.36
CA GLN B 427 5.15 -11.19 7.41
C GLN B 427 5.83 -9.96 6.79
N LYS B 428 7.16 -9.89 6.86
CA LYS B 428 7.87 -8.78 6.25
C LYS B 428 7.67 -8.77 4.74
N PHE B 429 7.52 -9.94 4.15
CA PHE B 429 7.21 -10.05 2.73
C PHE B 429 5.77 -9.63 2.43
N LEU B 430 4.83 -10.15 3.21
CA LEU B 430 3.42 -9.84 2.96
C LEU B 430 3.15 -8.36 3.11
N TYR B 431 3.83 -7.76 4.08
CA TYR B 431 3.68 -6.35 4.39
C TYR B 431 4.48 -5.41 3.48
N LEU B 432 5.67 -5.84 3.05
CA LEU B 432 6.64 -4.97 2.38
C LEU B 432 7.22 -5.52 1.08
N GLY B 433 6.89 -6.76 0.75
CA GLY B 433 7.45 -7.39 -0.44
C GLY B 433 6.85 -6.82 -1.71
N ASP B 434 7.56 -7.02 -2.82
CA ASP B 434 6.96 -6.76 -4.15
C ASP B 434 7.45 -7.78 -5.19
N ASP B 435 7.20 -7.54 -6.46
CA ASP B 435 7.58 -8.50 -7.49
C ASP B 435 9.09 -8.82 -7.49
N ARG B 436 9.90 -7.97 -6.87
CA ARG B 436 11.33 -8.25 -6.77
C ARG B 436 11.58 -9.48 -5.92
N ASN B 437 10.65 -9.80 -5.03
CA ASN B 437 10.81 -10.92 -4.13
C ASN B 437 10.26 -12.21 -4.72
N ILE B 438 9.51 -12.07 -5.81
CA ILE B 438 8.85 -13.19 -6.44
C ILE B 438 9.75 -13.68 -7.56
N GLU B 439 10.54 -14.70 -7.27
CA GLU B 439 11.56 -15.18 -8.19
C GLU B 439 11.01 -16.10 -9.26
N GLU B 440 10.17 -17.03 -8.85
CA GLU B 440 9.63 -18.02 -9.80
C GLU B 440 8.12 -18.20 -9.58
N VAL B 441 7.40 -18.41 -10.68
CA VAL B 441 5.96 -18.62 -10.58
C VAL B 441 5.58 -19.88 -11.34
N TYR B 442 4.78 -20.72 -10.69
CA TYR B 442 4.36 -22.00 -11.26
C TYR B 442 2.85 -22.07 -11.34
N VAL B 443 2.34 -22.44 -12.51
CA VAL B 443 0.93 -22.75 -12.68
C VAL B 443 0.81 -24.15 -13.25
N GLY B 444 0.02 -24.98 -12.57
CA GLY B 444 -0.12 -26.38 -12.93
C GLY B 444 1.21 -27.10 -13.12
N GLY B 445 2.19 -26.75 -12.28
CA GLY B 445 3.51 -27.39 -12.33
C GLY B 445 4.45 -26.81 -13.37
N LYS B 446 3.91 -26.03 -14.31
CA LYS B 446 4.74 -25.39 -15.33
C LYS B 446 5.20 -24.03 -14.86
N GLN B 447 6.50 -23.75 -14.98
CA GLN B 447 7.06 -22.46 -14.61
C GLN B 447 6.67 -21.39 -15.61
N VAL B 448 5.94 -20.38 -15.16
CA VAL B 448 5.43 -19.36 -16.08
C VAL B 448 6.19 -18.03 -15.95
N VAL B 449 6.96 -17.91 -14.87
CA VAL B 449 7.79 -16.75 -14.63
C VAL B 449 9.08 -17.24 -14.01
N PRO B 450 10.24 -16.77 -14.50
CA PRO B 450 10.49 -15.83 -15.59
C PRO B 450 9.81 -16.19 -16.91
N PHE B 451 9.39 -15.14 -17.62
CA PHE B 451 8.79 -15.29 -18.92
C PHE B 451 9.84 -15.86 -19.88
N SER B 452 9.38 -16.65 -20.86
CA SER B 452 10.26 -17.27 -21.84
C SER B 452 10.99 -16.20 -22.66
ZN ZN C . 5.75 7.11 17.10
ZN ZN D . -15.51 -4.51 -10.57
#